data_6WX2
#
_entry.id   6WX2
#
_cell.length_a   73.246
_cell.length_b   111.697
_cell.length_c   123.804
_cell.angle_alpha   90.000
_cell.angle_beta   90.000
_cell.angle_gamma   90.000
#
_symmetry.space_group_name_H-M   'P 21 21 21'
#
loop_
_entity.id
_entity.type
_entity.pdbx_description
1 polymer 'vFP16.02 antibody heavy chain'
2 polymer 'vFP16.02 antibody light chain'
3 polymer 'fusion peptide'
4 water water
#
loop_
_entity_poly.entity_id
_entity_poly.type
_entity_poly.pdbx_seq_one_letter_code
_entity_poly.pdbx_strand_id
1 'polypeptide(L)'
;QVQLLQSGAELVRPGASVTLSCKASGYAFSDYEIHWVKQTPVRGLDWIGAFDPKSGASASNQKVKGRAILTADKSSSTAY
MELRSLTSEDSAVYYCTRLRYFGYFDVWGTGTTVTVSSASTTPPSVYPLAPGSAAQTNSMVTLGCLVKGYFPEPVTVTWN
SGSLSSGVHTFPAVLQSDLYTLSSSVTVPSSTWPSETVTCNVAHPASSTKVDKKIVP
;
A,H
2 'polypeptide(L)'
;DVLMTQTPLSLPVSLGGQASISCRSSQSVVYSDGDTYLEWYLQKPGQSPKLLIYKVSRRPSGVPDRFSGSGSGTDFTLKI
SRVETEDLGVYYCFQGSHVPYTFGGGTKLEIKRTDAAPTVSIFPPSSEQLTSGGASVVCFLNNFYPKDINVKWKIDGSER
QNGVLNSWTDQDSKDSTYSMSSTLTLTKDEYERHNSYTCEATHKTSTSPIVKSFNRNE
;
B,L
3 'polypeptide(L)' AVGIGAVF C,F
#
# COMPACT_ATOMS: atom_id res chain seq x y z
N GLN A 1 -8.89 -10.20 -17.91
CA GLN A 1 -8.49 -10.03 -16.52
C GLN A 1 -6.97 -10.21 -16.33
N VAL A 2 -6.28 -10.43 -17.46
CA VAL A 2 -4.84 -10.68 -17.44
C VAL A 2 -4.10 -9.53 -16.77
N GLN A 3 -3.12 -9.86 -15.93
CA GLN A 3 -2.39 -8.86 -15.17
C GLN A 3 -0.94 -9.29 -15.06
N LEU A 4 -0.05 -8.30 -14.91
CA LEU A 4 1.35 -8.53 -14.60
C LEU A 4 1.67 -7.76 -13.34
N LEU A 5 2.27 -8.43 -12.36
CA LEU A 5 2.49 -7.87 -11.03
C LEU A 5 3.95 -7.53 -10.82
N GLN A 6 4.19 -6.26 -10.43
CA GLN A 6 5.52 -5.71 -10.28
C GLN A 6 5.59 -4.96 -8.96
N SER A 7 6.77 -4.99 -8.34
CA SER A 7 7.06 -4.18 -7.16
C SER A 7 6.93 -2.69 -7.47
N GLY A 8 6.45 -1.91 -6.49
CA GLY A 8 6.29 -0.48 -6.70
C GLY A 8 7.60 0.30 -6.74
N ALA A 9 8.60 -0.12 -5.96
CA ALA A 9 9.84 0.65 -5.88
C ALA A 9 10.98 -0.22 -5.36
N GLU A 10 12.20 0.20 -5.68
CA GLU A 10 13.43 -0.39 -5.13
C GLU A 10 14.46 0.72 -4.98
N LEU A 11 15.03 0.85 -3.78
CA LEU A 11 16.17 1.74 -3.54
C LEU A 11 17.45 0.89 -3.61
N VAL A 12 18.36 1.27 -4.50
CA VAL A 12 19.61 0.53 -4.71
C VAL A 12 20.80 1.47 -4.55
N ARG A 13 21.82 1.03 -3.79
CA ARG A 13 23.06 1.79 -3.63
C ARG A 13 23.96 1.62 -4.86
N PRO A 14 24.76 2.62 -5.20
CA PRO A 14 25.60 2.47 -6.40
C PRO A 14 26.54 1.28 -6.27
N GLY A 15 26.66 0.52 -7.37
CA GLY A 15 27.42 -0.71 -7.39
C GLY A 15 26.66 -1.96 -7.01
N ALA A 16 25.48 -1.83 -6.39
CA ALA A 16 24.70 -2.98 -5.97
C ALA A 16 23.83 -3.48 -7.11
N SER A 17 23.19 -4.63 -6.87
CA SER A 17 22.32 -5.27 -7.84
C SER A 17 20.86 -5.12 -7.43
N VAL A 18 19.99 -5.13 -8.44
CA VAL A 18 18.54 -5.21 -8.21
C VAL A 18 18.01 -6.40 -9.00
N THR A 19 16.99 -7.04 -8.45
CA THR A 19 16.28 -8.11 -9.12
C THR A 19 14.83 -7.65 -9.23
N LEU A 20 14.32 -7.55 -10.45
CA LEU A 20 12.94 -7.19 -10.66
C LEU A 20 12.16 -8.43 -11.07
N SER A 21 10.90 -8.49 -10.65
CA SER A 21 10.07 -9.64 -10.89
C SER A 21 8.78 -9.19 -11.55
N CYS A 22 8.25 -10.08 -12.38
CA CYS A 22 7.03 -9.87 -13.16
C CYS A 22 6.20 -11.14 -13.02
N LYS A 23 5.12 -11.09 -12.25
CA LYS A 23 4.33 -12.29 -12.02
C LYS A 23 3.03 -12.20 -12.81
N ALA A 24 2.82 -13.16 -13.72
CA ALA A 24 1.61 -13.23 -14.53
C ALA A 24 0.41 -13.72 -13.72
N SER A 25 -0.79 -13.27 -14.12
CA SER A 25 -2.03 -13.67 -13.44
C SER A 25 -3.14 -13.69 -14.46
N GLY A 26 -3.74 -14.84 -14.72
CA GLY A 26 -4.86 -14.94 -15.62
C GLY A 26 -4.57 -15.46 -17.00
N TYR A 27 -3.38 -15.97 -17.25
CA TYR A 27 -3.11 -16.58 -18.55
C TYR A 27 -2.04 -17.64 -18.36
N ALA A 28 -1.96 -18.54 -19.33
CA ALA A 28 -0.95 -19.59 -19.31
C ALA A 28 0.42 -18.98 -19.58
N PHE A 29 1.33 -19.11 -18.61
CA PHE A 29 2.58 -18.35 -18.64
C PHE A 29 3.45 -18.70 -19.85
N SER A 30 3.49 -19.98 -20.24
CA SER A 30 4.46 -20.41 -21.25
C SER A 30 4.08 -20.02 -22.66
N ASP A 31 2.86 -19.53 -22.88
CA ASP A 31 2.45 -19.13 -24.23
C ASP A 31 2.95 -17.75 -24.64
N TYR A 32 3.51 -16.95 -23.72
CA TYR A 32 3.94 -15.59 -24.00
C TYR A 32 5.34 -15.35 -23.47
N GLU A 33 6.13 -14.60 -24.23
CA GLU A 33 7.40 -14.07 -23.77
C GLU A 33 7.15 -12.88 -22.84
N ILE A 34 8.11 -12.62 -21.94
CA ILE A 34 8.09 -11.43 -21.09
C ILE A 34 9.24 -10.52 -21.52
N HIS A 35 8.90 -9.27 -21.84
CA HIS A 35 9.87 -8.25 -22.24
C HIS A 35 9.89 -7.12 -21.20
N TRP A 36 11.04 -6.48 -21.08
CA TRP A 36 11.26 -5.40 -20.13
C TRP A 36 11.63 -4.13 -20.87
N VAL A 37 11.03 -3.02 -20.44
CA VAL A 37 11.21 -1.71 -21.06
C VAL A 37 11.53 -0.68 -19.98
N LYS A 38 12.54 0.16 -20.23
CA LYS A 38 12.96 1.20 -19.31
C LYS A 38 12.39 2.55 -19.75
N GLN A 39 11.72 3.25 -18.83
CA GLN A 39 11.20 4.61 -19.06
C GLN A 39 11.99 5.60 -18.22
N THR A 40 12.79 6.45 -18.92
CA THR A 40 13.51 7.58 -18.36
C THR A 40 12.58 8.75 -18.08
N PRO A 41 12.90 9.58 -17.09
CA PRO A 41 11.97 10.66 -16.73
C PRO A 41 11.78 11.67 -17.86
N VAL A 42 10.57 12.24 -17.87
CA VAL A 42 10.06 13.17 -18.88
C VAL A 42 9.87 12.48 -20.22
N ARG A 43 10.91 11.82 -20.73
CA ARG A 43 10.83 11.28 -22.08
C ARG A 43 11.76 10.09 -22.25
N GLY A 44 11.33 9.13 -23.07
CA GLY A 44 12.17 8.00 -23.50
C GLY A 44 11.72 6.63 -23.04
N LEU A 45 11.66 5.69 -24.01
CA LEU A 45 11.49 4.27 -23.73
C LEU A 45 12.67 3.52 -24.34
N ASP A 46 13.17 2.51 -23.60
CA ASP A 46 14.25 1.63 -24.06
C ASP A 46 13.89 0.17 -23.80
N TRP A 47 13.98 -0.64 -24.85
CA TRP A 47 13.81 -2.08 -24.72
C TRP A 47 15.08 -2.66 -24.09
N ILE A 48 14.93 -3.34 -22.96
CA ILE A 48 16.05 -3.81 -22.17
C ILE A 48 16.34 -5.28 -22.43
N GLY A 49 15.31 -6.10 -22.58
CA GLY A 49 15.55 -7.52 -22.79
C GLY A 49 14.26 -8.30 -22.75
N ALA A 50 14.40 -9.61 -22.92
CA ALA A 50 13.24 -10.49 -23.00
C ALA A 50 13.64 -11.91 -22.61
N PHE A 51 12.63 -12.66 -22.18
CA PHE A 51 12.77 -14.08 -21.91
C PHE A 51 11.56 -14.81 -22.47
N ASP A 52 11.80 -15.92 -23.15
CA ASP A 52 10.73 -16.70 -23.76
C ASP A 52 10.50 -17.99 -22.98
N PRO A 53 9.41 -18.10 -22.22
CA PRO A 53 9.17 -19.33 -21.44
C PRO A 53 9.08 -20.59 -22.27
N LYS A 54 8.59 -20.51 -23.51
CA LYS A 54 8.36 -21.73 -24.27
C LYS A 54 9.67 -22.42 -24.67
N SER A 55 10.62 -21.65 -25.22
CA SER A 55 11.89 -22.17 -25.70
C SER A 55 13.04 -21.96 -24.72
N GLY A 56 12.88 -21.09 -23.72
CA GLY A 56 13.95 -20.79 -22.78
C GLY A 56 14.96 -19.77 -23.28
N ALA A 57 14.78 -19.23 -24.50
CA ALA A 57 15.72 -18.28 -25.04
C ALA A 57 15.63 -16.93 -24.33
N SER A 58 16.76 -16.25 -24.22
CA SER A 58 16.78 -14.93 -23.59
C SER A 58 17.65 -14.00 -24.41
N ALA A 59 17.35 -12.70 -24.31
CA ALA A 59 18.14 -11.70 -24.99
C ALA A 59 18.10 -10.40 -24.20
N SER A 60 19.07 -9.53 -24.42
CA SER A 60 18.97 -8.20 -23.85
C SER A 60 19.64 -7.21 -24.77
N ASN A 61 19.36 -5.94 -24.49
CA ASN A 61 19.92 -4.84 -25.27
C ASN A 61 21.39 -4.68 -24.90
N GLN A 62 22.19 -4.38 -25.91
CA GLN A 62 23.62 -4.35 -25.67
C GLN A 62 24.11 -3.13 -24.89
N LYS A 63 23.30 -2.08 -24.77
CA LYS A 63 23.72 -0.94 -23.95
C LYS A 63 23.93 -1.31 -22.48
N VAL A 64 23.23 -2.33 -21.98
CA VAL A 64 23.36 -2.74 -20.58
C VAL A 64 24.18 -4.00 -20.44
N LYS A 65 24.82 -4.44 -21.52
CA LYS A 65 25.21 -5.83 -21.64
C LYS A 65 26.31 -6.27 -20.67
N GLY A 66 26.16 -7.51 -20.22
CA GLY A 66 26.93 -8.02 -19.13
C GLY A 66 26.26 -7.85 -17.79
N ARG A 67 25.24 -6.99 -17.70
CA ARG A 67 24.62 -6.66 -16.44
C ARG A 67 23.19 -7.16 -16.30
N ALA A 68 22.54 -7.54 -17.39
CA ALA A 68 21.17 -8.05 -17.33
C ALA A 68 21.18 -9.58 -17.42
N ILE A 69 20.50 -10.20 -16.47
CA ILE A 69 20.32 -11.64 -16.43
C ILE A 69 18.83 -11.89 -16.39
N LEU A 70 18.30 -12.53 -17.43
CA LEU A 70 16.86 -12.75 -17.54
C LEU A 70 16.55 -14.22 -17.35
N THR A 71 15.53 -14.50 -16.55
CA THR A 71 15.20 -15.86 -16.17
C THR A 71 13.70 -15.97 -15.99
N ALA A 72 13.24 -17.19 -15.80
CA ALA A 72 11.85 -17.35 -15.40
C ALA A 72 11.68 -18.59 -14.55
N ASP A 73 10.80 -18.46 -13.57
CA ASP A 73 10.32 -19.58 -12.78
C ASP A 73 8.94 -19.91 -13.34
N LYS A 74 8.88 -20.97 -14.17
CA LYS A 74 7.62 -21.38 -14.78
C LYS A 74 6.60 -21.88 -13.74
N SER A 75 7.04 -22.44 -12.62
CA SER A 75 6.07 -22.92 -11.64
C SER A 75 5.38 -21.76 -10.90
N SER A 76 6.06 -20.62 -10.71
CA SER A 76 5.48 -19.41 -10.14
C SER A 76 4.84 -18.48 -11.17
N SER A 77 4.88 -18.82 -12.46
CA SER A 77 4.42 -17.91 -13.49
C SER A 77 5.13 -16.56 -13.36
N THR A 78 6.44 -16.59 -13.06
CA THR A 78 7.16 -15.37 -12.75
C THR A 78 8.40 -15.23 -13.63
N ALA A 79 8.62 -14.01 -14.13
CA ALA A 79 9.80 -13.64 -14.90
C ALA A 79 10.69 -12.77 -14.04
N TYR A 80 12.01 -12.89 -14.22
CA TYR A 80 12.95 -12.12 -13.43
C TYR A 80 13.98 -11.45 -14.33
N MET A 81 14.38 -10.25 -13.92
CA MET A 81 15.50 -9.56 -14.56
C MET A 81 16.41 -9.02 -13.47
N GLU A 82 17.64 -9.52 -13.42
CA GLU A 82 18.65 -9.02 -12.49
C GLU A 82 19.50 -8.02 -13.24
N LEU A 83 19.67 -6.86 -12.64
CA LEU A 83 20.52 -5.80 -13.17
C LEU A 83 21.62 -5.55 -12.16
N ARG A 84 22.86 -5.77 -12.57
CA ARG A 84 24.02 -5.69 -11.69
C ARG A 84 24.75 -4.36 -11.87
N SER A 85 25.48 -3.97 -10.82
CA SER A 85 26.42 -2.84 -10.86
C SER A 85 25.75 -1.53 -11.29
N LEU A 86 24.68 -1.19 -10.59
CA LEU A 86 23.90 -0.01 -10.97
C LEU A 86 24.65 1.27 -10.68
N THR A 87 24.36 2.30 -11.48
CA THR A 87 24.80 3.67 -11.29
C THR A 87 23.60 4.58 -11.44
N SER A 88 23.82 5.89 -11.31
CA SER A 88 22.72 6.85 -11.43
C SER A 88 22.01 6.74 -12.78
N GLU A 89 22.71 6.35 -13.84
CA GLU A 89 22.09 6.26 -15.16
C GLU A 89 21.01 5.19 -15.21
N ASP A 90 21.06 4.22 -14.30
CA ASP A 90 20.08 3.15 -14.26
C ASP A 90 18.81 3.51 -13.49
N SER A 91 18.73 4.70 -12.86
CA SER A 91 17.48 5.10 -12.22
C SER A 91 16.40 5.37 -13.27
N ALA A 92 15.23 4.73 -13.10
CA ALA A 92 14.12 4.86 -14.06
C ALA A 92 12.93 4.04 -13.59
N VAL A 93 11.83 4.08 -14.34
CA VAL A 93 10.72 3.17 -14.11
C VAL A 93 10.85 2.01 -15.08
N TYR A 94 10.86 0.78 -14.55
CA TYR A 94 11.01 -0.42 -15.38
C TYR A 94 9.66 -1.12 -15.51
N TYR A 95 9.19 -1.34 -16.74
CA TYR A 95 7.96 -2.06 -17.00
C TYR A 95 8.28 -3.46 -17.52
N CYS A 96 7.41 -4.43 -17.22
CA CYS A 96 7.40 -5.67 -17.99
C CYS A 96 6.12 -5.69 -18.81
N THR A 97 6.14 -6.46 -19.89
CA THR A 97 5.03 -6.58 -20.84
C THR A 97 5.13 -7.96 -21.51
N ARG A 98 4.01 -8.47 -21.99
CA ARG A 98 4.00 -9.81 -22.58
C ARG A 98 3.86 -9.75 -24.09
N LEU A 99 4.38 -10.77 -24.76
CA LEU A 99 4.36 -10.79 -26.22
C LEU A 99 4.21 -12.22 -26.71
N ARG A 100 3.14 -12.49 -27.44
CA ARG A 100 3.00 -13.72 -28.19
C ARG A 100 3.82 -13.64 -29.48
N TYR A 101 4.20 -14.81 -30.00
CA TYR A 101 5.00 -14.82 -31.21
C TYR A 101 4.24 -14.09 -32.31
N PHE A 102 4.95 -13.22 -33.03
CA PHE A 102 4.40 -12.39 -34.10
C PHE A 102 3.20 -11.54 -33.64
N GLY A 103 3.13 -11.25 -32.35
CA GLY A 103 2.06 -10.44 -31.78
C GLY A 103 2.49 -9.03 -31.43
N TYR A 104 2.01 -8.50 -30.32
CA TYR A 104 2.44 -7.18 -29.85
C TYR A 104 2.23 -7.11 -28.34
N PHE A 105 2.73 -6.03 -27.74
CA PHE A 105 2.69 -5.83 -26.29
C PHE A 105 1.28 -5.42 -25.88
N ASP A 106 0.44 -6.40 -25.55
CA ASP A 106 -0.97 -6.12 -25.23
C ASP A 106 -1.22 -5.81 -23.75
N VAL A 107 -0.41 -6.35 -22.83
CA VAL A 107 -0.63 -6.15 -21.40
C VAL A 107 0.67 -5.69 -20.77
N TRP A 108 0.57 -4.77 -19.81
CA TRP A 108 1.75 -4.18 -19.19
C TRP A 108 1.61 -4.19 -17.68
N GLY A 109 2.74 -4.36 -17.00
CA GLY A 109 2.80 -4.13 -15.56
C GLY A 109 2.68 -2.64 -15.28
N THR A 110 2.61 -2.31 -13.99
CA THR A 110 2.51 -0.93 -13.53
C THR A 110 3.86 -0.30 -13.24
N GLY A 111 4.93 -1.07 -13.29
CA GLY A 111 6.26 -0.49 -13.27
C GLY A 111 6.84 -0.38 -11.88
N THR A 112 8.17 -0.54 -11.83
CA THR A 112 8.97 -0.46 -10.61
C THR A 112 9.86 0.77 -10.73
N THR A 113 9.70 1.73 -9.81
CA THR A 113 10.52 2.94 -9.78
C THR A 113 11.83 2.62 -9.07
N VAL A 114 12.91 2.50 -9.83
CA VAL A 114 14.22 2.15 -9.32
C VAL A 114 15.02 3.42 -9.14
N THR A 115 15.50 3.66 -7.92
CA THR A 115 16.37 4.78 -7.61
C THR A 115 17.73 4.26 -7.14
N VAL A 116 18.80 4.78 -7.75
CA VAL A 116 20.18 4.46 -7.37
C VAL A 116 20.74 5.64 -6.59
N SER A 117 20.95 5.45 -5.28
CA SER A 117 21.40 6.51 -4.38
C SER A 117 21.98 5.90 -3.13
N SER A 118 22.86 6.66 -2.47
CA SER A 118 23.43 6.25 -1.20
C SER A 118 22.64 6.76 0.01
N ALA A 119 21.65 7.62 -0.20
CA ALA A 119 20.83 8.09 0.90
C ALA A 119 19.89 6.97 1.36
N SER A 120 19.55 7.02 2.64
CA SER A 120 18.59 6.10 3.24
C SER A 120 17.17 6.57 2.97
N THR A 121 16.23 5.62 3.02
CA THR A 121 14.81 5.92 2.88
C THR A 121 14.36 6.89 3.96
N THR A 122 13.41 7.77 3.61
CA THR A 122 12.78 8.67 4.57
C THR A 122 11.28 8.62 4.31
N PRO A 123 10.46 8.10 5.27
CA PRO A 123 9.03 8.17 5.12
C PRO A 123 8.56 9.63 5.10
N PRO A 124 7.42 9.91 4.45
CA PRO A 124 6.89 11.25 4.45
C PRO A 124 6.38 11.74 5.80
N SER A 125 6.46 13.05 5.99
CA SER A 125 5.69 13.81 7.00
C SER A 125 4.47 14.40 6.31
N VAL A 126 3.29 13.88 6.62
CA VAL A 126 2.06 14.31 5.92
C VAL A 126 1.31 15.34 6.78
N TYR A 127 0.95 16.47 6.18
CA TYR A 127 0.33 17.56 6.94
C TYR A 127 -1.07 17.91 6.40
N PRO A 128 -2.19 17.87 7.16
CA PRO A 128 -3.48 18.33 6.64
C PRO A 128 -3.47 19.83 6.37
N LEU A 129 -4.18 20.24 5.31
CA LEU A 129 -4.35 21.63 4.95
C LEU A 129 -5.85 21.95 4.92
N ALA A 130 -6.29 22.77 5.87
CA ALA A 130 -7.67 23.21 6.01
C ALA A 130 -7.72 24.73 6.07
N PRO A 131 -8.84 25.34 5.62
CA PRO A 131 -9.00 26.80 5.69
C PRO A 131 -9.14 27.30 7.14
N SER A 139 -21.08 27.53 -3.48
CA SER A 139 -19.68 27.45 -3.08
C SER A 139 -19.21 26.00 -2.95
N MET A 140 -17.91 25.80 -3.15
CA MET A 140 -17.23 24.52 -3.00
C MET A 140 -16.02 24.74 -2.12
N VAL A 141 -15.62 23.72 -1.37
CA VAL A 141 -14.43 23.82 -0.52
C VAL A 141 -13.32 22.97 -1.10
N THR A 142 -12.12 23.54 -1.17
CA THR A 142 -10.94 22.83 -1.60
C THR A 142 -10.05 22.59 -0.39
N LEU A 143 -9.73 21.32 -0.13
CA LEU A 143 -8.90 20.89 1.00
C LEU A 143 -7.61 20.29 0.46
N GLY A 144 -6.59 20.15 1.30
CA GLY A 144 -5.32 19.68 0.80
C GLY A 144 -4.55 18.80 1.76
N CYS A 145 -3.54 18.13 1.19
CA CYS A 145 -2.56 17.37 1.94
C CYS A 145 -1.16 17.75 1.47
N LEU A 146 -0.26 18.03 2.42
CA LEU A 146 1.14 18.32 2.12
C LEU A 146 1.98 17.10 2.50
N VAL A 147 2.67 16.52 1.54
CA VAL A 147 3.50 15.34 1.77
C VAL A 147 4.94 15.78 1.61
N LYS A 148 5.65 15.92 2.72
CA LYS A 148 6.91 16.65 2.73
C LYS A 148 8.04 15.78 3.28
N GLY A 149 9.22 15.92 2.69
CA GLY A 149 10.44 15.33 3.24
C GLY A 149 10.61 13.82 3.14
N TYR A 150 10.28 13.23 1.99
CA TYR A 150 10.39 11.79 1.79
C TYR A 150 11.40 11.48 0.70
N PHE A 151 12.06 10.32 0.84
CA PHE A 151 12.94 9.74 -0.18
C PHE A 151 12.85 8.22 -0.13
N PRO A 152 12.95 7.52 -1.27
CA PRO A 152 12.89 7.98 -2.67
C PRO A 152 11.46 8.02 -3.16
N GLU A 153 11.29 8.20 -4.48
CA GLU A 153 10.00 8.13 -5.16
C GLU A 153 9.56 6.68 -5.34
N PRO A 154 8.24 6.44 -5.50
CA PRO A 154 7.15 7.40 -5.45
C PRO A 154 6.38 7.35 -4.12
N VAL A 155 5.43 8.27 -3.98
CA VAL A 155 4.35 8.16 -3.02
C VAL A 155 3.07 7.98 -3.83
N THR A 156 2.07 7.41 -3.18
CA THR A 156 0.71 7.30 -3.68
C THR A 156 -0.19 8.11 -2.74
N VAL A 157 -1.08 8.91 -3.32
CA VAL A 157 -2.03 9.72 -2.55
C VAL A 157 -3.42 9.40 -3.05
N THR A 158 -4.32 9.05 -2.13
CA THR A 158 -5.74 8.89 -2.42
C THR A 158 -6.54 9.67 -1.38
N TRP A 159 -7.78 10.00 -1.72
CA TRP A 159 -8.66 10.73 -0.80
C TRP A 159 -9.84 9.83 -0.41
N ASN A 160 -10.06 9.71 0.90
CA ASN A 160 -11.08 8.83 1.45
C ASN A 160 -10.86 7.41 0.93
N SER A 161 -9.59 6.99 0.93
CA SER A 161 -9.14 5.66 0.51
C SER A 161 -9.48 5.41 -0.96
N GLY A 162 -9.57 6.46 -1.76
CA GLY A 162 -9.83 6.34 -3.18
C GLY A 162 -11.29 6.48 -3.58
N SER A 163 -12.21 6.52 -2.62
CA SER A 163 -13.62 6.71 -2.99
C SER A 163 -13.88 8.11 -3.51
N LEU A 164 -13.02 9.07 -3.19
CA LEU A 164 -13.10 10.43 -3.70
C LEU A 164 -12.06 10.59 -4.81
N SER A 165 -12.51 10.52 -6.06
CA SER A 165 -11.60 10.55 -7.19
C SER A 165 -11.80 11.73 -8.14
N SER A 166 -13.03 12.20 -8.33
CA SER A 166 -13.24 13.39 -9.14
C SER A 166 -12.76 14.63 -8.39
N GLY A 167 -12.24 15.60 -9.14
CA GLY A 167 -11.78 16.84 -8.54
C GLY A 167 -10.57 16.71 -7.63
N VAL A 168 -9.68 15.77 -7.91
CA VAL A 168 -8.43 15.62 -7.16
C VAL A 168 -7.29 16.02 -8.10
N HIS A 169 -6.40 16.87 -7.62
CA HIS A 169 -5.16 17.22 -8.31
C HIS A 169 -3.99 16.85 -7.43
N THR A 170 -3.14 15.94 -7.90
CA THR A 170 -1.93 15.58 -7.17
C THR A 170 -0.73 16.14 -7.93
N PHE A 171 0.03 17.00 -7.26
CA PHE A 171 1.08 17.73 -7.97
C PHE A 171 2.40 16.96 -7.92
N PRO A 172 3.16 16.95 -9.01
CA PRO A 172 4.41 16.16 -9.05
C PRO A 172 5.39 16.67 -7.99
N ALA A 173 6.18 15.73 -7.46
CA ALA A 173 7.16 16.05 -6.42
C ALA A 173 8.31 16.88 -6.98
N VAL A 174 8.83 17.75 -6.13
CA VAL A 174 10.07 18.49 -6.38
C VAL A 174 11.09 18.08 -5.34
N LEU A 175 12.33 17.93 -5.77
CA LEU A 175 13.44 17.53 -4.91
C LEU A 175 14.18 18.78 -4.43
N GLN A 176 14.30 18.92 -3.12
CA GLN A 176 15.02 20.00 -2.47
C GLN A 176 15.69 19.43 -1.23
N SER A 177 16.94 19.81 -1.01
CA SER A 177 17.70 19.35 0.16
C SER A 177 17.68 17.83 0.26
N ASP A 178 17.75 17.17 -0.91
CA ASP A 178 17.79 15.72 -1.07
C ASP A 178 16.52 15.02 -0.57
N LEU A 179 15.41 15.74 -0.37
CA LEU A 179 14.16 15.11 -0.01
C LEU A 179 13.07 15.63 -0.94
N TYR A 180 12.06 14.80 -1.18
CA TYR A 180 10.99 15.17 -2.09
C TYR A 180 9.83 15.78 -1.33
N THR A 181 9.12 16.69 -1.99
CA THR A 181 7.88 17.27 -1.49
C THR A 181 6.84 17.31 -2.59
N LEU A 182 5.61 16.96 -2.25
CA LEU A 182 4.47 17.15 -3.14
C LEU A 182 3.26 17.55 -2.31
N SER A 183 2.18 17.88 -3.02
CA SER A 183 0.93 18.28 -2.42
C SER A 183 -0.19 17.64 -3.20
N SER A 184 -1.37 17.62 -2.60
CA SER A 184 -2.58 17.13 -3.24
C SER A 184 -3.74 18.00 -2.80
N SER A 185 -4.66 18.28 -3.72
CA SER A 185 -5.84 19.08 -3.42
C SER A 185 -7.06 18.30 -3.87
N VAL A 186 -8.12 18.35 -3.07
CA VAL A 186 -9.40 17.76 -3.43
C VAL A 186 -10.46 18.84 -3.28
N THR A 187 -11.37 18.90 -4.23
CA THR A 187 -12.45 19.88 -4.15
C THR A 187 -13.78 19.16 -4.01
N VAL A 188 -14.50 19.48 -2.94
CA VAL A 188 -15.71 18.77 -2.56
C VAL A 188 -16.82 19.80 -2.34
N PRO A 189 -18.08 19.36 -2.40
CA PRO A 189 -19.19 20.28 -2.13
C PRO A 189 -19.11 20.82 -0.70
N SER A 190 -19.52 22.07 -0.53
CA SER A 190 -19.56 22.66 0.80
C SER A 190 -20.48 21.87 1.71
N SER A 191 -21.48 21.20 1.13
CA SER A 191 -22.37 20.33 1.88
C SER A 191 -21.65 19.14 2.52
N THR A 192 -20.61 18.61 1.88
CA THR A 192 -19.99 17.40 2.42
C THR A 192 -18.96 17.65 3.52
N TRP A 193 -18.37 18.84 3.59
CA TRP A 193 -17.35 19.08 4.60
C TRP A 193 -17.64 20.38 5.34
N PRO A 194 -17.40 20.42 6.67
CA PRO A 194 -16.80 19.37 7.50
C PRO A 194 -17.78 18.31 7.99
N SER A 195 -19.00 18.29 7.43
CA SER A 195 -20.01 17.37 7.94
C SER A 195 -19.57 15.92 7.75
N GLU A 196 -18.88 15.62 6.66
CA GLU A 196 -18.36 14.27 6.44
C GLU A 196 -16.86 14.28 6.54
N THR A 197 -16.29 13.10 6.80
CA THR A 197 -14.86 13.02 6.99
C THR A 197 -14.17 13.03 5.63
N VAL A 198 -13.11 13.80 5.53
CA VAL A 198 -12.23 13.78 4.37
C VAL A 198 -10.84 13.47 4.89
N THR A 199 -10.28 12.36 4.44
CA THR A 199 -8.98 11.89 4.87
C THR A 199 -8.10 11.76 3.64
N CYS A 200 -6.86 12.17 3.76
CA CYS A 200 -5.87 11.91 2.73
C CYS A 200 -5.02 10.72 3.16
N ASN A 201 -4.84 9.76 2.24
CA ASN A 201 -4.14 8.49 2.42
C ASN A 201 -2.88 8.47 1.58
N VAL A 202 -1.73 8.46 2.24
CA VAL A 202 -0.43 8.47 1.60
C VAL A 202 0.24 7.13 1.83
N ALA A 203 0.85 6.56 0.78
CA ALA A 203 1.62 5.33 0.89
C ALA A 203 2.98 5.56 0.26
N HIS A 204 4.05 5.15 0.95
CA HIS A 204 5.42 5.31 0.49
C HIS A 204 6.00 3.90 0.37
N PRO A 205 5.92 3.30 -0.82
CA PRO A 205 6.32 1.89 -0.96
C PRO A 205 7.75 1.57 -0.59
N ALA A 206 8.73 2.45 -0.87
CA ALA A 206 10.12 2.10 -0.58
C ALA A 206 10.39 1.95 0.93
N SER A 207 9.65 2.66 1.79
CA SER A 207 9.69 2.48 3.25
C SER A 207 8.55 1.63 3.80
N SER A 208 7.69 1.10 2.91
CA SER A 208 6.52 0.30 3.31
C SER A 208 5.67 1.02 4.34
N THR A 209 5.53 2.34 4.19
CA THR A 209 4.74 3.03 5.20
C THR A 209 3.47 3.57 4.57
N LYS A 210 2.52 3.85 5.45
CA LYS A 210 1.18 4.33 5.10
C LYS A 210 0.74 5.29 6.19
N VAL A 211 0.02 6.33 5.79
CA VAL A 211 -0.38 7.42 6.68
C VAL A 211 -1.75 7.89 6.25
N ASP A 212 -2.57 8.25 7.23
CA ASP A 212 -3.85 8.87 6.97
C ASP A 212 -3.92 10.13 7.81
N LYS A 213 -4.32 11.24 7.19
CA LYS A 213 -4.50 12.49 7.92
C LYS A 213 -5.91 12.96 7.66
N LYS A 214 -6.66 13.14 8.76
CA LYS A 214 -8.02 13.66 8.72
C LYS A 214 -7.95 15.17 8.55
N ILE A 215 -8.74 15.71 7.62
CA ILE A 215 -8.78 17.16 7.43
C ILE A 215 -9.78 17.71 8.43
N VAL A 216 -9.28 18.45 9.43
CA VAL A 216 -10.06 18.93 10.57
C VAL A 216 -10.12 20.46 10.55
N PRO A 217 -11.28 21.06 10.78
CA PRO A 217 -11.42 22.53 10.83
C PRO A 217 -10.58 23.17 11.92
N ASP B 1 22.08 -1.00 -34.37
CA ASP B 1 20.65 -1.19 -34.16
C ASP B 1 19.84 -0.40 -35.18
N VAL B 2 18.52 -0.60 -35.18
CA VAL B 2 17.64 0.21 -36.01
C VAL B 2 17.35 1.51 -35.24
N LEU B 3 17.84 2.63 -35.77
CA LEU B 3 17.50 3.95 -35.26
C LEU B 3 16.11 4.39 -35.70
N MET B 4 15.36 5.00 -34.79
CA MET B 4 14.00 5.48 -35.05
C MET B 4 13.98 6.98 -34.77
N THR B 5 13.98 7.82 -35.80
CA THR B 5 13.95 9.26 -35.61
C THR B 5 12.50 9.75 -35.70
N GLN B 6 12.00 10.33 -34.61
CA GLN B 6 10.61 10.75 -34.47
C GLN B 6 10.51 12.26 -34.43
N THR B 7 9.58 12.83 -35.22
CA THR B 7 9.34 14.26 -35.23
C THR B 7 7.84 14.55 -35.28
N PRO B 8 7.39 15.67 -34.68
CA PRO B 8 8.11 16.67 -33.87
C PRO B 8 8.34 16.21 -32.43
N LEU B 9 9.18 16.92 -31.68
CA LEU B 9 9.33 16.61 -30.26
C LEU B 9 8.08 16.98 -29.50
N SER B 10 7.44 18.08 -29.88
CA SER B 10 6.29 18.61 -29.16
C SER B 10 5.25 19.00 -30.21
N LEU B 11 4.02 18.53 -30.03
CA LEU B 11 2.95 18.77 -31.05
C LEU B 11 1.75 19.49 -30.45
N PRO B 12 1.63 20.84 -30.50
CA PRO B 12 0.39 21.51 -30.06
C PRO B 12 -0.70 21.35 -31.11
N VAL B 13 -1.89 20.98 -30.64
CA VAL B 13 -3.05 20.74 -31.54
C VAL B 13 -4.32 21.17 -30.80
N SER B 14 -5.21 21.86 -31.48
CA SER B 14 -6.47 22.27 -30.87
C SER B 14 -7.41 21.08 -30.73
N LEU B 15 -8.33 21.18 -29.77
CA LEU B 15 -9.36 20.14 -29.62
C LEU B 15 -10.11 20.02 -30.94
N GLY B 16 -10.25 18.78 -31.43
CA GLY B 16 -10.88 18.51 -32.71
C GLY B 16 -9.99 18.62 -33.94
N GLY B 17 -8.73 19.02 -33.79
CA GLY B 17 -7.84 19.17 -34.92
C GLY B 17 -7.21 17.84 -35.30
N GLN B 18 -6.23 17.92 -36.18
CA GLN B 18 -5.55 16.75 -36.72
C GLN B 18 -4.08 16.80 -36.34
N ALA B 19 -3.61 15.68 -35.82
CA ALA B 19 -2.19 15.59 -35.44
C ALA B 19 -1.53 14.53 -36.30
N SER B 20 -0.31 14.79 -36.73
CA SER B 20 0.41 13.76 -37.47
C SER B 20 1.83 13.70 -36.91
N ILE B 21 2.30 12.47 -36.68
CA ILE B 21 3.61 12.22 -36.07
C ILE B 21 4.38 11.34 -37.04
N SER B 22 5.62 11.69 -37.32
CA SER B 22 6.42 10.94 -38.26
C SER B 22 7.54 10.18 -37.56
N CYS B 23 7.91 9.05 -38.18
CA CYS B 23 9.00 8.20 -37.73
C CYS B 23 9.80 7.74 -38.94
N ARG B 24 11.12 7.84 -38.84
CA ARG B 24 12.01 7.45 -39.94
C ARG B 24 13.05 6.47 -39.40
N SER B 25 12.98 5.22 -39.84
CA SER B 25 13.93 4.19 -39.44
C SER B 25 15.24 4.32 -40.20
N SER B 26 16.32 3.84 -39.59
CA SER B 26 17.63 3.83 -40.26
C SER B 26 17.73 2.76 -41.32
N GLN B 27 16.83 1.78 -41.30
CA GLN B 27 16.90 0.68 -42.25
C GLN B 27 15.50 0.15 -42.47
N SER B 28 15.38 -0.74 -43.45
CA SER B 28 14.09 -1.37 -43.68
C SER B 28 13.72 -2.22 -42.47
N VAL B 29 12.45 -2.20 -42.09
CA VAL B 29 12.01 -2.99 -40.97
C VAL B 29 11.11 -4.15 -41.40
N VAL B 30 11.20 -4.57 -42.68
CA VAL B 30 10.49 -5.75 -43.13
C VAL B 30 11.16 -6.99 -42.55
N TYR B 31 10.36 -7.90 -42.00
CA TYR B 31 10.84 -9.18 -41.47
C TYR B 31 10.85 -10.26 -42.55
N SER B 32 11.56 -11.35 -42.25
CA SER B 32 11.74 -12.43 -43.22
C SER B 32 10.40 -13.07 -43.64
N ASP B 33 9.37 -12.99 -42.79
CA ASP B 33 8.08 -13.57 -43.19
C ASP B 33 7.33 -12.70 -44.20
N GLY B 34 7.84 -11.51 -44.52
CA GLY B 34 7.19 -10.57 -45.41
C GLY B 34 6.40 -9.47 -44.74
N ASP B 35 6.11 -9.60 -43.43
CA ASP B 35 5.39 -8.61 -42.64
C ASP B 35 6.36 -7.57 -42.06
N THR B 36 5.80 -6.39 -41.76
CA THR B 36 6.56 -5.27 -41.17
C THR B 36 6.02 -4.95 -39.78
N TYR B 37 6.87 -5.07 -38.76
CA TYR B 37 6.42 -4.92 -37.36
C TYR B 37 6.72 -3.53 -36.80
N LEU B 38 6.13 -2.51 -37.45
CA LEU B 38 6.05 -1.14 -36.95
C LEU B 38 4.80 -0.98 -36.08
N GLU B 39 4.98 -0.45 -34.87
CA GLU B 39 3.93 -0.30 -33.87
C GLU B 39 3.96 1.11 -33.31
N TRP B 40 2.80 1.63 -32.91
CA TRP B 40 2.72 2.93 -32.25
C TRP B 40 2.12 2.78 -30.85
N TYR B 41 2.72 3.46 -29.87
CA TYR B 41 2.36 3.37 -28.47
C TYR B 41 2.07 4.76 -27.92
N LEU B 42 1.13 4.85 -26.99
CA LEU B 42 0.85 6.09 -26.27
C LEU B 42 1.10 5.88 -24.79
N GLN B 43 1.90 6.75 -24.17
CA GLN B 43 2.04 6.77 -22.72
C GLN B 43 1.35 8.02 -22.18
N LYS B 44 0.17 7.81 -21.59
CA LYS B 44 -0.57 8.86 -20.93
C LYS B 44 0.03 9.09 -19.55
N PRO B 45 -0.08 10.30 -18.99
CA PRO B 45 0.60 10.55 -17.71
C PRO B 45 0.10 9.60 -16.64
N GLY B 46 1.03 9.12 -15.83
CA GLY B 46 0.66 8.24 -14.75
C GLY B 46 0.38 6.81 -15.12
N GLN B 47 0.55 6.43 -16.39
CA GLN B 47 0.13 5.11 -16.84
C GLN B 47 1.23 4.42 -17.65
N SER B 48 1.03 3.12 -17.86
CA SER B 48 1.90 2.34 -18.73
C SER B 48 1.65 2.70 -20.20
N PRO B 49 2.65 2.50 -21.07
CA PRO B 49 2.40 2.66 -22.52
C PRO B 49 1.38 1.64 -23.02
N LYS B 50 0.60 2.06 -24.01
CA LYS B 50 -0.44 1.22 -24.59
C LYS B 50 -0.37 1.27 -26.11
N LEU B 51 -0.61 0.12 -26.72
CA LEU B 51 -0.56 0.02 -28.17
C LEU B 51 -1.79 0.66 -28.80
N LEU B 52 -1.54 1.41 -29.88
CA LEU B 52 -2.57 1.92 -30.78
C LEU B 52 -2.56 1.23 -32.14
N ILE B 53 -1.39 0.97 -32.70
CA ILE B 53 -1.26 0.51 -34.08
C ILE B 53 -0.22 -0.60 -34.13
N TYR B 54 -0.50 -1.66 -34.89
CA TYR B 54 0.46 -2.74 -35.07
C TYR B 54 0.50 -3.11 -36.55
N LYS B 55 1.65 -3.61 -36.99
CA LYS B 55 1.92 -3.96 -38.39
C LYS B 55 1.60 -2.78 -39.31
N VAL B 56 2.16 -1.63 -38.97
CA VAL B 56 2.13 -0.39 -39.77
C VAL B 56 0.76 0.28 -39.70
N SER B 57 -0.32 -0.45 -39.99
CA SER B 57 -1.65 0.16 -40.08
C SER B 57 -2.76 -0.58 -39.36
N ARG B 58 -2.52 -1.74 -38.79
CA ARG B 58 -3.61 -2.49 -38.19
C ARG B 58 -3.93 -1.95 -36.81
N ARG B 59 -5.20 -2.06 -36.44
CA ARG B 59 -5.75 -1.47 -35.22
C ARG B 59 -6.37 -2.54 -34.33
N PRO B 60 -5.86 -2.77 -33.13
CA PRO B 60 -6.55 -3.67 -32.21
C PRO B 60 -7.91 -3.10 -31.80
N SER B 61 -8.83 -3.99 -31.47
CA SER B 61 -10.15 -3.58 -30.99
C SER B 61 -10.04 -2.77 -29.69
N GLY B 62 -10.90 -1.76 -29.58
CA GLY B 62 -10.83 -0.82 -28.49
C GLY B 62 -10.09 0.46 -28.82
N VAL B 63 -9.34 0.49 -29.91
CA VAL B 63 -8.65 1.69 -30.38
C VAL B 63 -9.53 2.32 -31.48
N PRO B 64 -9.96 3.57 -31.31
CA PRO B 64 -10.86 4.18 -32.31
C PRO B 64 -10.17 4.37 -33.64
N ASP B 65 -10.99 4.47 -34.69
CA ASP B 65 -10.46 4.66 -36.04
C ASP B 65 -9.93 6.06 -36.26
N ARG B 66 -10.10 6.98 -35.29
CA ARG B 66 -9.43 8.28 -35.38
C ARG B 66 -7.91 8.13 -35.40
N PHE B 67 -7.39 7.01 -34.86
CA PHE B 67 -5.97 6.71 -34.93
C PHE B 67 -5.72 5.85 -36.17
N SER B 68 -4.78 6.28 -37.02
CA SER B 68 -4.45 5.54 -38.23
C SER B 68 -2.95 5.63 -38.52
N GLY B 69 -2.41 4.56 -39.09
CA GLY B 69 -1.00 4.50 -39.43
C GLY B 69 -0.78 4.08 -40.86
N SER B 70 0.35 4.53 -41.40
CA SER B 70 0.72 4.25 -42.79
C SER B 70 2.23 4.24 -42.85
N GLY B 71 2.78 3.56 -43.86
CA GLY B 71 4.22 3.56 -44.00
C GLY B 71 4.81 2.76 -45.14
N SER B 72 5.84 3.29 -45.77
CA SER B 72 6.58 2.58 -46.82
C SER B 72 8.07 2.61 -46.52
N GLY B 73 8.69 1.45 -46.51
CA GLY B 73 10.12 1.42 -46.38
C GLY B 73 10.56 2.00 -45.05
N THR B 74 11.33 3.07 -45.14
CA THR B 74 11.88 3.73 -43.98
C THR B 74 10.93 4.73 -43.32
N ASP B 75 9.86 5.15 -44.02
CA ASP B 75 9.05 6.29 -43.59
C ASP B 75 7.69 5.85 -43.08
N PHE B 76 7.31 6.32 -41.88
CA PHE B 76 6.08 5.90 -41.24
C PHE B 76 5.39 7.11 -40.63
N THR B 77 4.06 7.06 -40.59
CA THR B 77 3.28 8.20 -40.13
C THR B 77 2.11 7.70 -39.32
N LEU B 78 1.86 8.34 -38.17
CA LEU B 78 0.66 8.09 -37.35
C LEU B 78 -0.17 9.37 -37.35
N LYS B 79 -1.47 9.23 -37.56
CA LYS B 79 -2.42 10.36 -37.68
C LYS B 79 -3.57 10.25 -36.67
N ILE B 80 -3.74 11.26 -35.84
CA ILE B 80 -4.90 11.32 -34.90
C ILE B 80 -5.84 12.32 -35.59
N SER B 81 -7.07 11.94 -35.87
CA SER B 81 -7.90 12.78 -36.73
C SER B 81 -8.75 13.81 -36.00
N ARG B 82 -9.30 13.50 -34.85
CA ARG B 82 -10.09 14.49 -34.12
C ARG B 82 -9.60 14.40 -32.69
N VAL B 83 -8.63 15.25 -32.37
CA VAL B 83 -8.00 15.17 -31.03
C VAL B 83 -9.02 15.37 -29.93
N GLU B 84 -8.97 14.51 -28.92
CA GLU B 84 -9.86 14.56 -27.79
C GLU B 84 -9.03 14.83 -26.54
N THR B 85 -9.68 15.28 -25.45
CA THR B 85 -8.90 15.67 -24.27
C THR B 85 -8.04 14.51 -23.78
N GLU B 86 -8.54 13.26 -23.94
CA GLU B 86 -7.91 12.06 -23.43
C GLU B 86 -6.76 11.56 -24.27
N ASP B 87 -6.52 12.19 -25.42
CA ASP B 87 -5.46 11.76 -26.35
C ASP B 87 -4.12 12.38 -25.97
N LEU B 88 -4.07 13.08 -24.83
CA LEU B 88 -2.82 13.74 -24.45
C LEU B 88 -1.81 12.73 -23.93
N GLY B 89 -0.54 13.01 -24.14
CA GLY B 89 0.52 12.13 -23.66
C GLY B 89 1.68 12.08 -24.61
N VAL B 90 2.56 11.12 -24.42
CA VAL B 90 3.73 11.03 -25.30
C VAL B 90 3.57 9.80 -26.18
N TYR B 91 3.72 10.02 -27.48
CA TYR B 91 3.54 8.94 -28.46
C TYR B 91 4.89 8.44 -28.93
N TYR B 92 5.04 7.13 -29.13
CA TYR B 92 6.29 6.52 -29.55
C TYR B 92 6.06 5.58 -30.73
N CYS B 93 6.91 5.67 -31.74
CA CYS B 93 6.98 4.60 -32.73
C CYS B 93 7.92 3.50 -32.21
N PHE B 94 7.76 2.29 -32.76
CA PHE B 94 8.51 1.15 -32.26
C PHE B 94 8.72 0.18 -33.41
N GLN B 95 9.93 -0.35 -33.57
CA GLN B 95 10.16 -1.43 -34.52
C GLN B 95 10.35 -2.72 -33.75
N GLY B 96 9.61 -3.75 -34.13
CA GLY B 96 9.71 -5.04 -33.48
C GLY B 96 10.23 -6.14 -34.40
N SER B 97 10.97 -5.78 -35.45
CA SER B 97 11.45 -6.76 -36.42
C SER B 97 12.84 -7.27 -36.11
N HIS B 98 13.71 -6.43 -35.60
CA HIS B 98 15.11 -6.77 -35.47
C HIS B 98 15.57 -6.52 -34.04
N VAL B 99 16.14 -7.54 -33.42
CA VAL B 99 16.66 -7.41 -32.06
C VAL B 99 17.95 -6.60 -32.10
N PRO B 100 18.16 -5.63 -31.20
CA PRO B 100 17.27 -5.14 -30.14
C PRO B 100 16.15 -4.27 -30.68
N TYR B 101 14.94 -4.50 -30.18
CA TYR B 101 13.80 -3.70 -30.57
C TYR B 101 14.00 -2.26 -30.07
N THR B 102 13.54 -1.29 -30.85
CA THR B 102 13.84 0.10 -30.51
C THR B 102 12.59 0.97 -30.62
N PHE B 103 12.57 2.01 -29.79
CA PHE B 103 11.52 3.03 -29.77
C PHE B 103 12.05 4.31 -30.34
N GLY B 104 11.15 5.12 -30.91
CA GLY B 104 11.49 6.47 -31.25
C GLY B 104 11.59 7.31 -29.99
N GLY B 105 12.07 8.54 -30.16
CA GLY B 105 12.29 9.44 -29.04
C GLY B 105 11.04 9.96 -28.38
N GLY B 106 9.89 9.85 -29.03
CA GLY B 106 8.66 10.28 -28.42
C GLY B 106 8.21 11.66 -28.88
N THR B 107 6.89 11.84 -28.95
CA THR B 107 6.28 13.13 -29.36
C THR B 107 5.20 13.48 -28.34
N LYS B 108 5.37 14.56 -27.60
CA LYS B 108 4.38 15.03 -26.60
C LYS B 108 3.25 15.81 -27.25
N LEU B 109 2.02 15.30 -27.12
CA LEU B 109 0.85 16.03 -27.64
C LEU B 109 0.36 16.99 -26.56
N GLU B 110 0.28 18.26 -26.94
CA GLU B 110 -0.27 19.36 -26.10
C GLU B 110 -1.57 19.84 -26.72
N ILE B 111 -2.65 19.83 -25.94
CA ILE B 111 -3.97 20.22 -26.48
C ILE B 111 -4.27 21.69 -26.21
N LYS B 112 -4.54 22.45 -27.26
CA LYS B 112 -4.91 23.85 -27.13
C LYS B 112 -6.41 23.96 -26.88
N ARG B 113 -6.79 24.72 -25.86
CA ARG B 113 -8.16 24.83 -25.39
C ARG B 113 -8.45 26.30 -25.11
N THR B 114 -9.71 26.61 -24.83
CA THR B 114 -10.06 27.99 -24.50
C THR B 114 -9.47 28.39 -23.14
N ASP B 115 -9.16 29.68 -23.01
CA ASP B 115 -8.57 30.17 -21.77
C ASP B 115 -9.52 29.97 -20.61
N ALA B 116 -8.95 29.72 -19.42
CA ALA B 116 -9.68 29.52 -18.17
C ALA B 116 -8.91 30.14 -17.01
N ALA B 117 -9.64 30.83 -16.11
CA ALA B 117 -8.91 31.47 -15.01
C ALA B 117 -8.73 30.52 -13.82
N PRO B 118 -7.65 30.68 -13.06
CA PRO B 118 -7.43 29.83 -11.88
C PRO B 118 -8.46 30.02 -10.77
N THR B 119 -8.80 28.92 -10.09
CA THR B 119 -9.39 28.99 -8.75
C THR B 119 -8.28 28.95 -7.71
N VAL B 120 -8.27 29.89 -6.75
CA VAL B 120 -7.14 30.10 -5.85
C VAL B 120 -7.57 29.85 -4.41
N SER B 121 -6.76 29.08 -3.67
CA SER B 121 -7.03 28.78 -2.28
C SER B 121 -5.75 28.83 -1.45
N ILE B 122 -5.85 29.36 -0.23
CA ILE B 122 -4.70 29.57 0.63
C ILE B 122 -4.92 28.80 1.93
N PHE B 123 -3.81 28.26 2.48
CA PHE B 123 -3.85 27.35 3.61
C PHE B 123 -2.74 27.65 4.60
N PRO B 124 -3.08 27.88 5.86
CA PRO B 124 -2.08 28.11 6.91
C PRO B 124 -1.37 26.81 7.27
N PRO B 125 -0.20 26.90 7.91
CA PRO B 125 0.46 25.68 8.37
C PRO B 125 -0.40 24.95 9.39
N SER B 126 -0.38 23.62 9.32
CA SER B 126 -1.05 22.81 10.31
C SER B 126 -0.33 22.89 11.65
N SER B 127 -1.08 22.70 12.74
CA SER B 127 -0.45 22.67 14.05
C SER B 127 0.57 21.54 14.18
N GLU B 128 0.29 20.40 13.52
CA GLU B 128 1.23 19.28 13.58
C GLU B 128 2.57 19.64 12.97
N GLN B 129 2.57 20.41 11.87
CA GLN B 129 3.84 20.88 11.33
C GLN B 129 4.49 21.88 12.28
N LEU B 130 3.69 22.70 12.94
CA LEU B 130 4.24 23.72 13.83
C LEU B 130 4.96 23.09 15.02
N THR B 131 4.53 21.90 15.48
CA THR B 131 5.21 21.24 16.60
C THR B 131 6.66 20.87 16.29
N SER B 132 7.03 20.73 15.02
CA SER B 132 8.39 20.41 14.61
C SER B 132 9.24 21.64 14.25
N GLY B 133 8.70 22.86 14.41
CA GLY B 133 9.46 24.07 14.22
C GLY B 133 9.53 24.67 12.81
N GLY B 134 8.87 24.06 11.82
CA GLY B 134 8.75 24.70 10.52
C GLY B 134 7.31 25.05 10.18
N ALA B 135 7.07 25.91 9.19
CA ALA B 135 5.70 26.27 8.84
C ALA B 135 5.60 26.52 7.34
N SER B 136 4.64 25.85 6.70
CA SER B 136 4.47 25.92 5.25
C SER B 136 3.08 26.46 4.96
N VAL B 137 3.04 27.58 4.25
CA VAL B 137 1.81 28.19 3.76
C VAL B 137 1.62 27.75 2.31
N VAL B 138 0.43 27.27 1.98
CA VAL B 138 0.22 26.65 0.69
C VAL B 138 -0.84 27.42 -0.08
N CYS B 139 -0.67 27.55 -1.39
CA CYS B 139 -1.64 28.17 -2.26
C CYS B 139 -1.83 27.25 -3.45
N PHE B 140 -3.08 26.84 -3.70
CA PHE B 140 -3.44 26.04 -4.87
C PHE B 140 -4.09 26.94 -5.93
N LEU B 141 -3.64 26.80 -7.17
CA LEU B 141 -4.12 27.52 -8.34
C LEU B 141 -4.62 26.49 -9.35
N ASN B 142 -5.93 26.22 -9.35
CA ASN B 142 -6.47 25.03 -10.00
C ASN B 142 -7.24 25.34 -11.29
N ASN B 143 -7.09 24.44 -12.26
CA ASN B 143 -7.88 24.37 -13.48
C ASN B 143 -7.89 25.72 -14.24
N PHE B 144 -6.71 26.10 -14.70
CA PHE B 144 -6.50 27.28 -15.54
C PHE B 144 -5.83 26.86 -16.83
N TYR B 145 -5.93 27.73 -17.84
CA TYR B 145 -5.28 27.58 -19.14
C TYR B 145 -5.03 28.98 -19.73
N PRO B 146 -3.89 29.20 -20.41
CA PRO B 146 -2.71 28.36 -20.68
C PRO B 146 -1.87 28.09 -19.42
N LYS B 147 -0.81 27.29 -19.57
CA LYS B 147 -0.08 26.76 -18.42
C LYS B 147 0.68 27.85 -17.65
N ASP B 148 1.09 28.91 -18.32
CA ASP B 148 1.93 29.92 -17.68
C ASP B 148 1.14 30.71 -16.65
N ILE B 149 1.75 30.95 -15.48
CA ILE B 149 1.08 31.68 -14.40
C ILE B 149 2.14 32.18 -13.44
N ASN B 150 1.87 33.31 -12.79
CA ASN B 150 2.78 33.87 -11.81
C ASN B 150 2.12 33.92 -10.44
N VAL B 151 2.90 33.64 -9.39
CA VAL B 151 2.43 33.73 -8.01
C VAL B 151 3.40 34.61 -7.25
N LYS B 152 2.85 35.38 -6.28
CA LYS B 152 3.66 36.28 -5.48
C LYS B 152 3.17 36.25 -4.05
N TRP B 153 4.12 36.17 -3.10
CA TRP B 153 3.82 36.00 -1.68
C TRP B 153 4.11 37.29 -0.95
N LYS B 154 3.19 37.71 -0.09
CA LYS B 154 3.36 38.91 0.75
C LYS B 154 3.14 38.56 2.22
N ILE B 155 4.15 38.81 3.05
CA ILE B 155 4.05 38.67 4.50
C ILE B 155 3.96 40.07 5.10
N ASP B 156 2.83 40.37 5.76
CA ASP B 156 2.56 41.70 6.33
C ASP B 156 2.73 42.80 5.28
N GLY B 157 2.36 42.49 4.04
CA GLY B 157 2.44 43.41 2.94
C GLY B 157 3.76 43.43 2.21
N SER B 158 4.79 42.74 2.70
CA SER B 158 6.11 42.79 2.08
C SER B 158 6.38 41.53 1.26
N GLU B 159 6.95 41.72 0.07
CA GLU B 159 7.16 40.58 -0.83
C GLU B 159 8.20 39.62 -0.27
N ARG B 160 7.94 38.32 -0.47
CA ARG B 160 8.85 37.26 -0.05
C ARG B 160 9.15 36.37 -1.25
N GLN B 161 10.42 36.05 -1.45
CA GLN B 161 10.77 35.20 -2.56
C GLN B 161 11.49 33.94 -2.14
N ASN B 162 12.35 34.02 -1.13
CA ASN B 162 12.98 32.81 -0.62
C ASN B 162 11.95 31.94 0.09
N GLY B 163 12.12 30.62 -0.03
CA GLY B 163 11.21 29.65 0.54
C GLY B 163 9.99 29.29 -0.27
N VAL B 164 9.89 29.75 -1.53
CA VAL B 164 8.78 29.42 -2.42
C VAL B 164 9.15 28.22 -3.28
N LEU B 165 8.22 27.27 -3.41
CA LEU B 165 8.39 26.07 -4.22
C LEU B 165 7.11 25.81 -5.01
N ASN B 166 7.22 25.70 -6.33
CA ASN B 166 6.06 25.65 -7.22
C ASN B 166 6.08 24.38 -8.06
N SER B 167 4.91 23.76 -8.20
CA SER B 167 4.82 22.57 -9.04
C SER B 167 3.55 22.60 -9.87
N TRP B 168 3.69 22.23 -11.14
CA TRP B 168 2.61 22.18 -12.10
C TRP B 168 2.18 20.73 -12.37
N THR B 169 0.87 20.50 -12.42
CA THR B 169 0.42 19.21 -12.91
C THR B 169 0.66 19.11 -14.42
N ASP B 170 0.59 17.89 -14.92
CA ASP B 170 0.45 17.71 -16.36
C ASP B 170 -0.93 18.18 -16.79
N GLN B 171 -1.12 18.31 -18.11
CA GLN B 171 -2.42 18.70 -18.62
C GLN B 171 -3.48 17.69 -18.21
N ASP B 172 -4.64 18.19 -17.78
CA ASP B 172 -5.73 17.32 -17.32
C ASP B 172 -6.31 16.52 -18.49
N SER B 173 -6.49 15.22 -18.27
CA SER B 173 -6.97 14.33 -19.31
C SER B 173 -8.46 14.51 -19.62
N LYS B 174 -9.21 15.21 -18.78
CA LYS B 174 -10.65 15.34 -18.95
C LYS B 174 -11.09 16.73 -19.39
N ASP B 175 -10.46 17.80 -18.86
CA ASP B 175 -10.79 19.17 -19.29
C ASP B 175 -9.62 19.94 -19.88
N SER B 176 -8.44 19.30 -20.05
CA SER B 176 -7.29 19.89 -20.74
C SER B 176 -6.75 21.17 -20.07
N THR B 177 -6.97 21.35 -18.77
CA THR B 177 -6.43 22.48 -18.02
C THR B 177 -5.16 22.07 -17.28
N TYR B 178 -4.58 23.03 -16.56
CA TYR B 178 -3.39 22.83 -15.72
C TYR B 178 -3.69 23.36 -14.33
N SER B 179 -2.95 22.85 -13.34
CA SER B 179 -3.03 23.35 -11.97
C SER B 179 -1.62 23.49 -11.43
N MET B 180 -1.50 24.29 -10.37
CA MET B 180 -0.19 24.60 -9.82
C MET B 180 -0.28 24.78 -8.31
N SER B 181 0.74 24.31 -7.61
CA SER B 181 0.82 24.39 -6.15
C SER B 181 2.03 25.20 -5.74
N SER B 182 1.83 26.22 -4.89
CA SER B 182 2.90 27.07 -4.37
C SER B 182 3.01 26.96 -2.86
N THR B 183 4.21 26.69 -2.36
CA THR B 183 4.43 26.47 -0.93
C THR B 183 5.55 27.39 -0.43
N LEU B 184 5.25 28.19 0.59
CA LEU B 184 6.22 29.02 1.28
C LEU B 184 6.57 28.41 2.63
N THR B 185 7.84 28.08 2.86
CA THR B 185 8.29 27.50 4.11
C THR B 185 9.11 28.51 4.90
N LEU B 186 8.77 28.70 6.17
CA LEU B 186 9.44 29.61 7.09
C LEU B 186 9.75 28.88 8.38
N THR B 187 10.60 29.49 9.18
CA THR B 187 10.75 29.09 10.56
C THR B 187 9.46 29.35 11.32
N LYS B 188 9.15 28.49 12.29
CA LYS B 188 7.97 28.75 13.12
C LYS B 188 8.13 30.06 13.88
N ASP B 189 9.34 30.38 14.33
CA ASP B 189 9.55 31.67 14.98
C ASP B 189 9.34 32.83 14.00
N GLU B 190 9.81 32.66 12.77
CA GLU B 190 9.59 33.68 11.75
C GLU B 190 8.11 33.77 11.39
N TYR B 191 7.42 32.64 11.36
CA TYR B 191 5.99 32.65 11.07
C TYR B 191 5.21 33.33 12.18
N GLU B 192 5.69 33.24 13.42
CA GLU B 192 4.98 33.85 14.53
C GLU B 192 5.32 35.32 14.72
N ARG B 193 6.33 35.85 14.05
CA ARG B 193 6.72 37.25 14.20
C ARG B 193 5.97 38.19 13.26
N HIS B 194 5.10 37.67 12.40
CA HIS B 194 4.33 38.48 11.45
C HIS B 194 2.89 37.99 11.46
N ASN B 195 2.00 38.82 10.91
CA ASN B 195 0.58 38.52 11.04
C ASN B 195 -0.12 38.11 9.74
N SER B 196 0.08 38.81 8.61
CA SER B 196 -0.78 38.56 7.45
C SER B 196 0.03 37.89 6.35
N TYR B 197 -0.54 36.83 5.77
CA TYR B 197 0.08 36.09 4.67
C TYR B 197 -0.84 36.11 3.46
N THR B 198 -0.28 36.50 2.32
CA THR B 198 -1.05 36.73 1.10
C THR B 198 -0.40 36.03 -0.07
N CYS B 199 -1.22 35.37 -0.88
CA CYS B 199 -0.82 34.77 -2.14
C CYS B 199 -1.61 35.47 -3.25
N GLU B 200 -0.91 36.02 -4.24
CA GLU B 200 -1.53 36.68 -5.39
C GLU B 200 -1.11 36.03 -6.69
N ALA B 201 -2.09 35.59 -7.47
CA ALA B 201 -1.84 34.91 -8.73
C ALA B 201 -2.20 35.84 -9.89
N THR B 202 -1.25 36.02 -10.81
CA THR B 202 -1.44 36.82 -12.01
C THR B 202 -1.35 35.90 -13.22
N HIS B 203 -2.39 35.94 -14.06
CA HIS B 203 -2.60 35.02 -15.17
C HIS B 203 -3.14 35.78 -16.37
N LYS B 204 -2.92 35.23 -17.56
CA LYS B 204 -3.28 35.92 -18.80
C LYS B 204 -4.76 36.24 -18.85
N THR B 205 -5.61 35.46 -18.17
CA THR B 205 -7.03 35.67 -18.30
C THR B 205 -7.47 37.03 -17.74
N SER B 206 -6.68 37.65 -16.87
CA SER B 206 -7.07 38.94 -16.32
C SER B 206 -5.87 39.80 -15.95
N THR B 207 -6.06 41.12 -16.12
CA THR B 207 -5.06 42.13 -15.78
C THR B 207 -4.84 42.26 -14.28
N SER B 208 -5.89 41.97 -13.45
CA SER B 208 -5.88 42.08 -11.99
C SER B 208 -5.45 40.77 -11.37
N PRO B 209 -4.53 40.79 -10.40
CA PRO B 209 -4.24 39.56 -9.65
C PRO B 209 -5.46 39.05 -8.88
N ILE B 210 -5.57 37.73 -8.82
CA ILE B 210 -6.52 37.08 -7.93
C ILE B 210 -5.80 36.91 -6.61
N VAL B 211 -6.32 37.51 -5.56
CA VAL B 211 -5.63 37.64 -4.28
C VAL B 211 -6.34 36.76 -3.26
N LYS B 212 -5.55 36.07 -2.44
CA LYS B 212 -6.10 35.35 -1.29
C LYS B 212 -5.13 35.59 -0.13
N SER B 213 -5.66 35.59 1.09
CA SER B 213 -4.80 35.87 2.22
C SER B 213 -5.47 35.38 3.50
N PHE B 214 -4.68 35.33 4.58
CA PHE B 214 -5.21 35.05 5.90
C PHE B 214 -4.39 35.74 6.97
N ASN B 215 -4.96 35.78 8.17
CA ASN B 215 -4.29 36.22 9.39
C ASN B 215 -4.37 35.14 10.44
N ARG B 216 -3.25 34.94 11.16
CA ARG B 216 -3.25 33.95 12.23
C ARG B 216 -4.15 34.39 13.37
N ASN B 217 -4.33 35.71 13.56
CA ASN B 217 -5.10 36.25 14.67
C ASN B 217 -6.60 36.00 14.53
N GLU B 218 -7.08 35.62 13.35
CA GLU B 218 -8.52 35.38 13.17
C GLU B 218 -9.03 34.26 14.06
N ALA C 1 5.81 -7.15 -32.16
CA ALA C 1 7.18 -7.61 -32.40
C ALA C 1 7.22 -9.10 -32.76
N VAL C 2 8.31 -9.57 -33.37
CA VAL C 2 8.35 -10.97 -33.78
C VAL C 2 8.43 -11.89 -32.57
N GLY C 3 9.30 -11.58 -31.61
CA GLY C 3 9.54 -12.40 -30.42
C GLY C 3 10.89 -13.10 -30.55
N ILE C 4 11.63 -13.18 -29.44
CA ILE C 4 12.99 -13.71 -29.52
C ILE C 4 13.04 -15.22 -29.67
N GLY C 5 11.93 -15.93 -29.43
CA GLY C 5 11.88 -17.35 -29.71
C GLY C 5 11.09 -17.78 -30.93
N ALA C 6 10.67 -16.86 -31.79
CA ALA C 6 9.78 -17.25 -32.89
C ALA C 6 10.45 -18.20 -33.89
N VAL C 7 11.77 -18.12 -34.07
CA VAL C 7 12.46 -18.89 -35.11
C VAL C 7 12.94 -20.27 -34.64
N PHE C 8 12.68 -20.66 -33.39
CA PHE C 8 13.11 -21.99 -32.92
C PHE C 8 12.00 -23.04 -33.11
N GLN D 1 -3.72 13.98 15.92
CA GLN D 1 -3.52 12.93 14.92
C GLN D 1 -2.11 12.34 15.06
N VAL D 2 -1.56 12.45 16.27
CA VAL D 2 -0.17 12.06 16.51
C VAL D 2 0.05 10.60 16.11
N GLN D 3 1.15 10.33 15.40
CA GLN D 3 1.37 8.99 14.87
C GLN D 3 2.84 8.63 14.93
N LEU D 4 3.10 7.31 14.90
CA LEU D 4 4.43 6.74 14.74
C LEU D 4 4.41 5.87 13.49
N LEU D 5 5.40 6.07 12.62
CA LEU D 5 5.44 5.44 11.30
C LEU D 5 6.48 4.34 11.27
N GLN D 6 6.05 3.14 10.86
CA GLN D 6 6.86 1.93 10.82
C GLN D 6 6.61 1.20 9.51
N SER D 7 7.66 0.55 9.00
CA SER D 7 7.53 -0.32 7.84
C SER D 7 6.61 -1.51 8.15
N GLY D 8 5.84 -1.93 7.14
CA GLY D 8 4.90 -3.02 7.34
C GLY D 8 5.53 -4.40 7.43
N ALA D 9 6.65 -4.63 6.74
CA ALA D 9 7.24 -5.96 6.73
C ALA D 9 8.71 -5.87 6.37
N GLU D 10 9.44 -6.90 6.77
CA GLU D 10 10.88 -7.02 6.44
C GLU D 10 11.20 -8.51 6.34
N LEU D 11 11.78 -8.96 5.22
CA LEU D 11 12.21 -10.37 5.12
C LEU D 11 13.72 -10.41 5.34
N VAL D 12 14.15 -11.12 6.38
CA VAL D 12 15.59 -11.18 6.74
C VAL D 12 16.08 -12.61 6.60
N ARG D 13 17.19 -12.79 5.88
CA ARG D 13 17.79 -14.14 5.74
C ARG D 13 18.44 -14.51 7.07
N PRO D 14 18.50 -15.80 7.44
CA PRO D 14 19.06 -16.16 8.71
C PRO D 14 20.51 -15.73 8.84
N GLY D 15 20.89 -15.14 9.97
CA GLY D 15 22.26 -14.67 10.23
C GLY D 15 22.48 -13.24 9.78
N ALA D 16 21.47 -12.67 9.13
CA ALA D 16 21.57 -11.29 8.64
C ALA D 16 21.07 -10.30 9.69
N SER D 17 21.05 -9.03 9.32
CA SER D 17 20.68 -7.98 10.30
C SER D 17 19.53 -7.16 9.73
N VAL D 18 18.65 -6.68 10.60
CA VAL D 18 17.51 -5.85 10.21
C VAL D 18 17.57 -4.52 10.95
N THR D 19 17.10 -3.48 10.29
CA THR D 19 17.02 -2.16 10.87
C THR D 19 15.58 -1.71 10.80
N LEU D 20 14.99 -1.45 11.97
CA LEU D 20 13.62 -0.95 12.05
C LEU D 20 13.65 0.54 12.36
N SER D 21 12.67 1.25 11.81
CA SER D 21 12.58 2.69 11.95
C SER D 21 11.22 3.04 12.53
N CYS D 22 11.20 4.09 13.32
CA CYS D 22 10.01 4.59 13.99
C CYS D 22 10.04 6.11 13.84
N LYS D 23 9.17 6.66 12.99
CA LYS D 23 9.21 8.08 12.71
C LYS D 23 8.02 8.80 13.34
N ALA D 24 8.30 9.76 14.22
CA ALA D 24 7.25 10.52 14.87
C ALA D 24 6.61 11.51 13.91
N SER D 25 5.31 11.78 14.11
CA SER D 25 4.63 12.81 13.32
C SER D 25 3.51 13.42 14.14
N GLY D 26 3.66 14.72 14.44
CA GLY D 26 2.69 15.49 15.22
C GLY D 26 3.05 15.86 16.65
N TYR D 27 4.30 15.67 17.08
CA TYR D 27 4.72 16.14 18.40
C TYR D 27 6.22 16.41 18.38
N ALA D 28 6.68 17.14 19.40
CA ALA D 28 8.11 17.44 19.52
C ALA D 28 8.87 16.16 19.83
N PHE D 29 9.76 15.75 18.91
CA PHE D 29 10.33 14.42 18.98
C PHE D 29 11.16 14.20 20.25
N SER D 30 11.89 15.22 20.68
CA SER D 30 12.84 15.04 21.78
C SER D 30 12.15 15.00 23.14
N ASP D 31 10.87 15.32 23.19
CA ASP D 31 10.12 15.33 24.44
C ASP D 31 9.68 13.94 24.91
N TYR D 32 9.81 12.90 24.08
CA TYR D 32 9.41 11.54 24.47
C TYR D 32 10.51 10.53 24.13
N GLU D 33 10.63 9.52 24.99
CA GLU D 33 11.42 8.34 24.68
C GLU D 33 10.67 7.47 23.68
N ILE D 34 11.43 6.67 22.92
CA ILE D 34 10.85 5.67 22.04
C ILE D 34 11.25 4.30 22.56
N HIS D 35 10.25 3.45 22.81
CA HIS D 35 10.42 2.07 23.28
C HIS D 35 9.96 1.07 22.22
N TRP D 36 10.56 -0.11 22.22
CA TRP D 36 10.23 -1.16 21.26
C TRP D 36 9.74 -2.41 21.99
N VAL D 37 8.65 -2.98 21.49
CA VAL D 37 8.03 -4.14 22.09
C VAL D 37 7.84 -5.19 21.02
N LYS D 38 8.21 -6.44 21.33
CA LYS D 38 8.07 -7.56 20.41
C LYS D 38 6.83 -8.36 20.78
N GLN D 39 5.96 -8.63 19.81
CA GLN D 39 4.78 -9.48 19.97
C GLN D 39 5.05 -10.79 19.22
N THR D 40 5.19 -11.89 20.01
CA THR D 40 5.31 -13.28 19.57
C THR D 40 3.97 -13.83 19.14
N PRO D 41 3.96 -14.79 18.21
CA PRO D 41 2.70 -15.27 17.64
C PRO D 41 1.81 -15.93 18.68
N VAL D 42 0.50 -15.81 18.45
CA VAL D 42 -0.61 -16.24 19.30
C VAL D 42 -0.68 -15.44 20.60
N ARG D 43 0.42 -15.40 21.36
CA ARG D 43 0.41 -14.73 22.65
C ARG D 43 1.81 -14.27 23.00
N GLY D 44 1.90 -13.20 23.80
CA GLY D 44 3.21 -12.79 24.33
C GLY D 44 3.64 -11.41 23.86
N LEU D 45 4.00 -10.57 24.82
CA LEU D 45 4.68 -9.30 24.56
C LEU D 45 6.02 -9.29 25.31
N ASP D 46 7.05 -8.73 24.66
CA ASP D 46 8.38 -8.57 25.26
C ASP D 46 8.90 -7.15 25.04
N TRP D 47 9.28 -6.48 26.13
CA TRP D 47 9.95 -5.19 26.02
C TRP D 47 11.38 -5.44 25.58
N ILE D 48 11.77 -4.83 24.47
CA ILE D 48 13.05 -5.10 23.80
C ILE D 48 14.09 -4.04 24.14
N GLY D 49 13.70 -2.78 24.21
CA GLY D 49 14.67 -1.74 24.48
C GLY D 49 14.09 -0.35 24.27
N ALA D 50 14.94 0.64 24.49
CA ALA D 50 14.46 2.02 24.42
C ALA D 50 15.61 2.98 24.15
N PHE D 51 15.24 4.13 23.61
CA PHE D 51 16.16 5.25 23.41
C PHE D 51 15.43 6.54 23.81
N ASP D 52 16.12 7.38 24.58
CA ASP D 52 15.60 8.67 25.02
C ASP D 52 16.28 9.80 24.27
N PRO D 53 15.58 10.51 23.37
CA PRO D 53 16.22 11.61 22.62
C PRO D 53 16.78 12.73 23.48
N LYS D 54 16.18 12.99 24.65
CA LYS D 54 16.57 14.16 25.45
C LYS D 54 17.98 14.01 26.04
N SER D 55 18.27 12.87 26.66
CA SER D 55 19.55 12.65 27.31
C SER D 55 20.52 11.82 26.47
N GLY D 56 20.04 11.15 25.41
CA GLY D 56 20.85 10.24 24.63
C GLY D 56 21.00 8.86 25.23
N ALA D 57 20.33 8.59 26.36
CA ALA D 57 20.46 7.31 27.01
C ALA D 57 19.77 6.21 26.20
N SER D 58 20.36 5.03 26.23
CA SER D 58 19.73 3.91 25.57
C SER D 58 19.84 2.70 26.49
N ALA D 59 18.91 1.77 26.32
CA ALA D 59 18.94 0.54 27.09
C ALA D 59 18.35 -0.56 26.24
N SER D 60 18.72 -1.80 26.55
CA SER D 60 18.07 -2.90 25.89
C SER D 60 17.96 -4.08 26.84
N ASN D 61 17.14 -5.03 26.44
CA ASN D 61 16.90 -6.23 27.22
C ASN D 61 18.03 -7.25 27.05
N GLN D 62 18.37 -7.94 28.16
CA GLN D 62 19.51 -8.85 28.15
C GLN D 62 19.30 -10.09 27.29
N LYS D 63 18.06 -10.47 27.03
CA LYS D 63 17.77 -11.60 26.17
C LYS D 63 18.18 -11.35 24.71
N VAL D 64 18.18 -10.10 24.26
CA VAL D 64 18.65 -9.77 22.92
C VAL D 64 20.00 -9.07 22.95
N LYS D 65 20.62 -8.96 24.12
CA LYS D 65 21.73 -8.02 24.29
C LYS D 65 22.98 -8.45 23.53
N GLY D 66 23.68 -7.45 23.03
CA GLY D 66 24.73 -7.60 22.05
C GLY D 66 24.25 -7.47 20.63
N ARG D 67 22.95 -7.63 20.40
CA ARG D 67 22.39 -7.65 19.06
C ARG D 67 21.53 -6.45 18.76
N ALA D 68 21.05 -5.73 19.78
CA ALA D 68 20.21 -4.55 19.57
C ALA D 68 21.03 -3.28 19.78
N ILE D 69 20.99 -2.40 18.79
CA ILE D 69 21.62 -1.10 18.85
C ILE D 69 20.53 -0.07 18.58
N LEU D 70 20.27 0.77 19.56
CA LEU D 70 19.19 1.76 19.47
C LEU D 70 19.79 3.14 19.33
N THR D 71 19.26 3.90 18.38
CA THR D 71 19.80 5.21 18.05
C THR D 71 18.64 6.10 17.66
N ALA D 72 18.94 7.37 17.45
CA ALA D 72 17.93 8.27 16.94
C ALA D 72 18.55 9.40 16.13
N ASP D 73 17.86 9.76 15.06
CA ASP D 73 18.15 10.94 14.25
C ASP D 73 17.14 12.01 14.65
N LYS D 74 17.60 12.96 15.46
CA LYS D 74 16.73 14.05 15.93
C LYS D 74 16.28 14.94 14.78
N SER D 75 17.13 15.13 13.75
CA SER D 75 16.72 15.99 12.63
C SER D 75 15.62 15.33 11.79
N SER D 76 15.59 14.00 11.74
CA SER D 76 14.55 13.25 11.07
C SER D 76 13.36 12.87 11.98
N SER D 77 13.39 13.23 13.25
CA SER D 77 12.35 12.79 14.18
C SER D 77 12.17 11.27 14.16
N THR D 78 13.29 10.54 14.06
CA THR D 78 13.22 9.11 13.81
C THR D 78 14.09 8.36 14.81
N ALA D 79 13.54 7.29 15.35
CA ALA D 79 14.29 6.37 16.19
C ALA D 79 14.55 5.10 15.40
N TYR D 80 15.68 4.46 15.64
CA TYR D 80 16.07 3.26 14.91
C TYR D 80 16.49 2.18 15.89
N MET D 81 16.19 0.93 15.52
CA MET D 81 16.69 -0.23 16.25
C MET D 81 17.27 -1.24 15.29
N GLU D 82 18.56 -1.51 15.42
CA GLU D 82 19.23 -2.55 14.64
C GLU D 82 19.27 -3.83 15.44
N LEU D 83 18.83 -4.92 14.83
CA LEU D 83 18.91 -6.25 15.42
C LEU D 83 19.80 -7.11 14.52
N ARG D 84 20.84 -7.70 15.09
CA ARG D 84 21.86 -8.41 14.33
C ARG D 84 21.75 -9.92 14.52
N SER D 85 22.31 -10.64 13.55
CA SER D 85 22.44 -12.10 13.59
C SER D 85 21.11 -12.81 13.85
N LEU D 86 20.11 -12.47 13.04
CA LEU D 86 18.77 -12.98 13.33
C LEU D 86 18.69 -14.48 13.10
N THR D 87 17.82 -15.12 13.88
CA THR D 87 17.45 -16.51 13.69
C THR D 87 15.93 -16.58 13.70
N SER D 88 15.41 -17.79 13.51
CA SER D 88 13.97 -17.96 13.46
C SER D 88 13.29 -17.50 14.74
N GLU D 89 13.99 -17.54 15.87
CA GLU D 89 13.36 -17.10 17.11
C GLU D 89 13.05 -15.61 17.08
N ASP D 90 13.72 -14.84 16.22
CA ASP D 90 13.50 -13.40 16.10
C ASP D 90 12.32 -13.02 15.22
N SER D 91 11.66 -13.99 14.58
CA SER D 91 10.49 -13.69 13.77
C SER D 91 9.33 -13.26 14.65
N ALA D 92 8.74 -12.09 14.35
CA ALA D 92 7.67 -11.55 15.18
C ALA D 92 7.15 -10.23 14.66
N VAL D 93 6.13 -9.65 15.30
CA VAL D 93 5.74 -8.29 15.01
C VAL D 93 6.38 -7.36 16.04
N TYR D 94 7.14 -6.36 15.57
CA TYR D 94 7.78 -5.39 16.47
C TYR D 94 7.05 -4.05 16.39
N TYR D 95 6.60 -3.55 17.54
CA TYR D 95 6.00 -2.22 17.67
C TYR D 95 6.98 -1.25 18.31
N CYS D 96 6.86 0.00 17.92
CA CYS D 96 7.45 1.09 18.67
C CYS D 96 6.33 1.88 19.33
N THR D 97 6.67 2.58 20.42
CA THR D 97 5.71 3.32 21.22
C THR D 97 6.46 4.43 21.95
N ARG D 98 5.73 5.49 22.31
CA ARG D 98 6.38 6.64 22.94
C ARG D 98 6.07 6.72 24.43
N LEU D 99 7.00 7.31 25.18
CA LEU D 99 6.85 7.42 26.63
C LEU D 99 7.49 8.70 27.12
N ARG D 100 6.67 9.58 27.69
CA ARG D 100 7.17 10.73 28.43
C ARG D 100 7.62 10.27 29.83
N TYR D 101 8.51 11.05 30.43
CA TYR D 101 9.02 10.68 31.74
C TYR D 101 7.85 10.53 32.71
N PHE D 102 7.86 9.42 33.46
CA PHE D 102 6.84 9.08 34.43
C PHE D 102 5.45 9.03 33.83
N GLY D 103 5.37 8.77 32.53
CA GLY D 103 4.10 8.68 31.82
C GLY D 103 3.76 7.24 31.47
N TYR D 104 3.19 7.03 30.30
CA TYR D 104 2.88 5.69 29.85
C TYR D 104 2.81 5.67 28.33
N PHE D 105 2.65 4.46 27.80
CA PHE D 105 2.65 4.19 26.36
C PHE D 105 1.31 4.62 25.78
N ASP D 106 1.22 5.89 25.35
CA ASP D 106 -0.05 6.41 24.83
C ASP D 106 -0.23 6.25 23.32
N VAL D 107 0.85 6.23 22.53
CA VAL D 107 0.75 6.14 21.07
C VAL D 107 1.65 5.00 20.60
N TRP D 108 1.16 4.24 19.61
CA TRP D 108 1.85 3.04 19.13
C TRP D 108 1.94 3.06 17.61
N GLY D 109 3.04 2.51 17.09
CA GLY D 109 3.09 2.23 15.67
C GLY D 109 2.17 1.06 15.36
N THR D 110 2.02 0.76 14.06
CA THR D 110 1.20 -0.38 13.66
C THR D 110 2.02 -1.65 13.51
N GLY D 111 3.34 -1.57 13.69
CA GLY D 111 4.17 -2.75 13.81
C GLY D 111 4.75 -3.21 12.50
N THR D 112 5.95 -3.81 12.59
CA THR D 112 6.64 -4.37 11.45
C THR D 112 6.70 -5.89 11.64
N THR D 113 6.12 -6.62 10.70
CA THR D 113 6.18 -8.08 10.72
C THR D 113 7.52 -8.52 10.15
N VAL D 114 8.40 -9.01 11.02
CA VAL D 114 9.74 -9.46 10.64
C VAL D 114 9.71 -10.96 10.48
N THR D 115 10.09 -11.42 9.29
CA THR D 115 10.17 -12.88 9.06
C THR D 115 11.61 -13.25 8.72
N VAL D 116 12.14 -14.26 9.41
CA VAL D 116 13.52 -14.74 9.15
C VAL D 116 13.42 -16.03 8.36
N SER D 117 13.83 -16.01 7.10
CA SER D 117 13.72 -17.18 6.22
C SER D 117 14.70 -17.09 5.06
N SER D 118 15.01 -18.22 4.45
CA SER D 118 15.93 -18.27 3.28
C SER D 118 15.11 -18.18 1.99
N ALA D 119 13.80 -18.22 2.10
CA ALA D 119 12.92 -18.20 0.91
C ALA D 119 12.78 -16.79 0.38
N SER D 120 12.65 -16.65 -0.93
CA SER D 120 12.44 -15.35 -1.53
C SER D 120 10.96 -14.99 -1.42
N THR D 121 10.67 -13.68 -1.45
CA THR D 121 9.29 -13.23 -1.45
C THR D 121 8.56 -13.78 -2.68
N THR D 122 7.26 -14.04 -2.49
CA THR D 122 6.39 -14.51 -3.56
C THR D 122 5.14 -13.65 -3.50
N PRO D 123 4.83 -12.87 -4.55
CA PRO D 123 3.56 -12.12 -4.53
C PRO D 123 2.36 -13.05 -4.59
N PRO D 124 1.24 -12.64 -3.99
CA PRO D 124 0.04 -13.51 -4.00
C PRO D 124 -0.60 -13.64 -5.38
N SER D 125 -1.32 -14.73 -5.59
CA SER D 125 -2.28 -14.80 -6.69
C SER D 125 -3.67 -14.67 -6.12
N VAL D 126 -4.44 -13.69 -6.64
CA VAL D 126 -5.73 -13.32 -6.09
C VAL D 126 -6.80 -13.73 -7.09
N TYR D 127 -7.76 -14.54 -6.62
CA TYR D 127 -8.84 -15.12 -7.44
C TYR D 127 -10.19 -14.63 -6.94
N PRO D 128 -10.99 -14.00 -7.79
CA PRO D 128 -12.37 -13.65 -7.41
C PRO D 128 -13.21 -14.89 -7.15
N LEU D 129 -14.09 -14.78 -6.17
CA LEU D 129 -15.05 -15.83 -5.85
C LEU D 129 -16.43 -15.20 -5.99
N ALA D 130 -17.18 -15.65 -7.00
CA ALA D 130 -18.53 -15.22 -7.29
C ALA D 130 -19.41 -16.46 -7.40
N PRO D 131 -20.71 -16.33 -7.07
CA PRO D 131 -21.62 -17.47 -7.20
C PRO D 131 -21.83 -17.87 -8.66
N SER D 139 -32.88 -10.39 -0.02
CA SER D 139 -31.77 -11.29 0.25
C SER D 139 -30.45 -10.54 0.23
N MET D 140 -29.43 -11.27 0.67
CA MET D 140 -28.06 -10.79 0.63
C MET D 140 -27.20 -11.79 -0.12
N VAL D 141 -26.19 -11.27 -0.82
CA VAL D 141 -25.23 -12.09 -1.56
C VAL D 141 -23.86 -11.98 -0.89
N THR D 142 -23.16 -13.11 -0.76
CA THR D 142 -21.81 -13.16 -0.21
C THR D 142 -20.80 -13.44 -1.32
N LEU D 143 -19.80 -12.56 -1.46
CA LEU D 143 -18.73 -12.67 -2.45
C LEU D 143 -17.37 -12.84 -1.74
N GLY D 144 -16.36 -13.30 -2.48
CA GLY D 144 -15.09 -13.55 -1.83
C GLY D 144 -13.87 -13.28 -2.68
N CYS D 145 -12.70 -13.28 -2.02
CA CYS D 145 -11.41 -13.27 -2.68
C CYS D 145 -10.50 -14.31 -2.06
N LEU D 146 -9.83 -15.09 -2.92
CA LEU D 146 -8.85 -16.09 -2.51
C LEU D 146 -7.46 -15.52 -2.76
N VAL D 147 -6.64 -15.40 -1.71
CA VAL D 147 -5.29 -14.89 -1.84
C VAL D 147 -4.34 -16.04 -1.55
N LYS D 148 -3.73 -16.61 -2.59
CA LYS D 148 -3.11 -17.91 -2.48
C LYS D 148 -1.64 -17.83 -2.87
N GLY D 149 -0.80 -18.57 -2.14
CA GLY D 149 0.58 -18.76 -2.55
C GLY D 149 1.53 -17.59 -2.40
N TYR D 150 1.49 -16.88 -1.26
CA TYR D 150 2.35 -15.73 -1.05
C TYR D 150 3.29 -15.98 0.12
N PHE D 151 4.48 -15.38 0.07
CA PHE D 151 5.41 -15.37 1.18
C PHE D 151 6.13 -14.02 1.23
N PRO D 152 6.43 -13.51 2.43
CA PRO D 152 5.99 -13.86 3.78
C PRO D 152 4.71 -13.10 4.12
N GLU D 153 4.32 -13.08 5.40
CA GLU D 153 3.22 -12.26 5.89
C GLU D 153 3.65 -10.80 6.01
N PRO D 154 2.70 -9.87 6.02
CA PRO D 154 1.24 -10.00 5.90
C PRO D 154 0.77 -9.60 4.50
N VAL D 155 -0.53 -9.76 4.23
CA VAL D 155 -1.26 -9.06 3.18
C VAL D 155 -2.33 -8.25 3.90
N THR D 156 -2.79 -7.18 3.25
CA THR D 156 -3.96 -6.43 3.65
C THR D 156 -5.02 -6.61 2.58
N VAL D 157 -6.27 -6.78 3.00
CA VAL D 157 -7.40 -6.90 2.09
C VAL D 157 -8.43 -5.87 2.49
N THR D 158 -8.86 -5.06 1.51
CA THR D 158 -9.97 -4.14 1.70
C THR D 158 -10.93 -4.37 0.53
N TRP D 159 -12.18 -3.96 0.73
CA TRP D 159 -13.21 -4.11 -0.28
C TRP D 159 -13.68 -2.73 -0.71
N ASN D 160 -13.66 -2.48 -2.02
CA ASN D 160 -14.01 -1.17 -2.58
C ASN D 160 -13.18 -0.08 -1.92
N SER D 161 -11.88 -0.37 -1.77
CA SER D 161 -10.91 0.57 -1.25
C SER D 161 -11.27 1.02 0.17
N GLY D 162 -11.93 0.16 0.94
CA GLY D 162 -12.27 0.47 2.31
C GLY D 162 -13.67 1.03 2.48
N SER D 163 -14.37 1.35 1.38
CA SER D 163 -15.74 1.84 1.50
C SER D 163 -16.69 0.76 1.96
N LEU D 164 -16.35 -0.50 1.70
CA LEU D 164 -17.11 -1.64 2.18
C LEU D 164 -16.37 -2.22 3.37
N SER D 165 -16.83 -1.89 4.57
CA SER D 165 -16.22 -2.37 5.80
C SER D 165 -17.17 -3.19 6.66
N SER D 166 -18.47 -2.87 6.67
CA SER D 166 -19.40 -3.74 7.36
C SER D 166 -19.58 -5.04 6.59
N GLY D 167 -19.77 -6.13 7.34
CA GLY D 167 -19.95 -7.40 6.67
C GLY D 167 -18.73 -7.93 5.93
N VAL D 168 -17.53 -7.66 6.43
CA VAL D 168 -16.30 -8.22 5.88
C VAL D 168 -15.71 -9.17 6.91
N HIS D 169 -15.33 -10.37 6.46
CA HIS D 169 -14.55 -11.29 7.28
C HIS D 169 -13.27 -11.62 6.53
N THR D 170 -12.13 -11.30 7.12
CA THR D 170 -10.84 -11.65 6.52
C THR D 170 -10.22 -12.75 7.35
N PHE D 171 -9.98 -13.89 6.72
CA PHE D 171 -9.61 -15.06 7.51
C PHE D 171 -8.09 -15.19 7.65
N PRO D 172 -7.59 -15.57 8.82
CA PRO D 172 -6.14 -15.60 9.01
C PRO D 172 -5.49 -16.60 8.05
N ALA D 173 -4.28 -16.27 7.63
CA ALA D 173 -3.60 -17.11 6.65
C ALA D 173 -3.17 -18.42 7.30
N VAL D 174 -3.14 -19.48 6.49
CA VAL D 174 -2.58 -20.76 6.87
C VAL D 174 -1.36 -21.03 5.99
N LEU D 175 -0.32 -21.56 6.61
CA LEU D 175 0.95 -21.86 5.96
C LEU D 175 0.98 -23.31 5.51
N GLN D 176 1.20 -23.54 4.21
CA GLN D 176 1.27 -24.87 3.64
C GLN D 176 2.25 -24.85 2.47
N SER D 177 3.09 -25.90 2.39
CA SER D 177 4.08 -26.00 1.30
C SER D 177 4.92 -24.73 1.20
N ASP D 178 5.27 -24.16 2.36
CA ASP D 178 6.10 -22.96 2.49
C ASP D 178 5.49 -21.71 1.84
N LEU D 179 4.17 -21.70 1.59
CA LEU D 179 3.48 -20.50 1.12
C LEU D 179 2.20 -20.30 1.93
N TYR D 180 1.77 -19.05 2.06
CA TYR D 180 0.59 -18.66 2.83
C TYR D 180 -0.64 -18.59 1.93
N THR D 181 -1.81 -18.89 2.52
CA THR D 181 -3.09 -18.70 1.82
C THR D 181 -4.10 -18.09 2.78
N LEU D 182 -4.88 -17.12 2.31
CA LEU D 182 -6.01 -16.63 3.08
C LEU D 182 -7.16 -16.32 2.15
N SER D 183 -8.31 -16.00 2.76
CA SER D 183 -9.49 -15.64 1.99
C SER D 183 -10.18 -14.49 2.71
N SER D 184 -11.07 -13.83 1.97
CA SER D 184 -11.87 -12.73 2.46
C SER D 184 -13.28 -12.87 1.92
N SER D 185 -14.27 -12.52 2.74
CA SER D 185 -15.67 -12.61 2.38
C SER D 185 -16.29 -11.25 2.67
N VAL D 186 -17.16 -10.80 1.77
CA VAL D 186 -17.97 -9.60 2.00
C VAL D 186 -19.42 -9.95 1.68
N THR D 187 -20.33 -9.52 2.53
CA THR D 187 -21.76 -9.76 2.32
C THR D 187 -22.45 -8.43 2.07
N VAL D 188 -23.12 -8.32 0.92
CA VAL D 188 -23.72 -7.07 0.45
C VAL D 188 -25.19 -7.33 0.12
N PRO D 189 -26.02 -6.28 0.09
CA PRO D 189 -27.42 -6.46 -0.33
C PRO D 189 -27.47 -6.95 -1.77
N SER D 190 -28.43 -7.83 -2.07
CA SER D 190 -28.57 -8.35 -3.43
C SER D 190 -28.88 -7.24 -4.42
N SER D 191 -29.53 -6.17 -3.97
CA SER D 191 -29.80 -5.05 -4.87
C SER D 191 -28.52 -4.41 -5.39
N THR D 192 -27.46 -4.41 -4.59
CA THR D 192 -26.24 -3.70 -4.98
C THR D 192 -25.33 -4.47 -5.94
N TRP D 193 -25.39 -5.80 -5.95
CA TRP D 193 -24.49 -6.55 -6.83
C TRP D 193 -25.29 -7.57 -7.64
N PRO D 194 -24.97 -7.74 -8.95
CA PRO D 194 -23.85 -7.13 -9.68
C PRO D 194 -24.12 -5.71 -10.17
N SER D 195 -25.18 -5.07 -9.68
CA SER D 195 -25.54 -3.75 -10.18
C SER D 195 -24.42 -2.74 -9.92
N GLU D 196 -23.73 -2.86 -8.79
CA GLU D 196 -22.59 -2.01 -8.52
C GLU D 196 -21.32 -2.83 -8.47
N THR D 197 -20.19 -2.17 -8.68
CA THR D 197 -18.92 -2.88 -8.74
C THR D 197 -18.45 -3.25 -7.34
N VAL D 198 -17.98 -4.48 -7.19
CA VAL D 198 -17.37 -4.93 -5.94
C VAL D 198 -15.98 -5.44 -6.28
N THR D 199 -14.96 -4.83 -5.68
CA THR D 199 -13.56 -5.13 -5.95
C THR D 199 -12.83 -5.45 -4.65
N CYS D 200 -11.99 -6.48 -4.66
CA CYS D 200 -11.13 -6.71 -3.52
C CYS D 200 -9.74 -6.17 -3.84
N ASN D 201 -9.17 -5.43 -2.87
CA ASN D 201 -7.86 -4.79 -2.99
C ASN D 201 -6.93 -5.47 -2.00
N VAL D 202 -5.94 -6.19 -2.48
CA VAL D 202 -4.97 -6.83 -1.62
C VAL D 202 -3.61 -6.19 -1.86
N ALA D 203 -2.88 -5.94 -0.78
CA ALA D 203 -1.53 -5.38 -0.83
C ALA D 203 -0.60 -6.31 -0.08
N HIS D 204 0.57 -6.58 -0.66
CA HIS D 204 1.57 -7.46 -0.06
C HIS D 204 2.83 -6.63 0.11
N PRO D 205 2.99 -6.01 1.29
CA PRO D 205 4.11 -5.06 1.49
C PRO D 205 5.50 -5.61 1.27
N ALA D 206 5.77 -6.85 1.64
CA ALA D 206 7.14 -7.35 1.48
C ALA D 206 7.56 -7.41 0.02
N SER D 207 6.63 -7.58 -0.92
CA SER D 207 6.96 -7.52 -2.35
C SER D 207 6.59 -6.17 -2.95
N SER D 208 6.11 -5.24 -2.12
CA SER D 208 5.62 -3.95 -2.59
C SER D 208 4.64 -4.15 -3.75
N THR D 209 3.78 -5.15 -3.67
CA THR D 209 2.85 -5.37 -4.78
C THR D 209 1.43 -5.09 -4.34
N LYS D 210 0.57 -4.86 -5.33
CA LYS D 210 -0.81 -4.55 -5.04
C LYS D 210 -1.69 -5.06 -6.18
N VAL D 211 -2.90 -5.50 -5.83
CA VAL D 211 -3.81 -6.13 -6.79
C VAL D 211 -5.23 -5.72 -6.44
N ASP D 212 -6.02 -5.52 -7.48
CA ASP D 212 -7.45 -5.28 -7.37
C ASP D 212 -8.12 -6.31 -8.27
N LYS D 213 -9.11 -7.02 -7.76
CA LYS D 213 -9.84 -7.99 -8.56
C LYS D 213 -11.32 -7.68 -8.44
N LYS D 214 -11.96 -7.44 -9.58
CA LYS D 214 -13.39 -7.19 -9.62
C LYS D 214 -14.13 -8.52 -9.57
N ILE D 215 -15.17 -8.58 -8.74
CA ILE D 215 -16.01 -9.77 -8.66
C ILE D 215 -17.07 -9.67 -9.75
N VAL D 216 -16.96 -10.56 -10.74
CA VAL D 216 -17.79 -10.53 -11.95
C VAL D 216 -18.61 -11.81 -12.02
N PRO D 217 -19.90 -11.73 -12.37
CA PRO D 217 -20.74 -12.93 -12.55
C PRO D 217 -20.26 -13.85 -13.67
N ASP E 1 14.93 -10.55 36.17
CA ASP E 1 13.91 -9.54 35.92
C ASP E 1 12.70 -9.67 36.85
N VAL E 2 11.76 -8.74 36.69
CA VAL E 2 10.49 -8.83 37.41
C VAL E 2 9.60 -9.76 36.62
N LEU E 3 9.30 -10.94 37.19
CA LEU E 3 8.33 -11.84 36.59
C LEU E 3 6.92 -11.38 36.90
N MET E 4 6.05 -11.46 35.89
CA MET E 4 4.68 -11.02 35.98
C MET E 4 3.80 -12.24 35.69
N THR E 5 3.21 -12.84 36.72
CA THR E 5 2.37 -14.02 36.55
C THR E 5 0.90 -13.57 36.50
N GLN E 6 0.26 -13.84 35.38
CA GLN E 6 -1.10 -13.40 35.10
C GLN E 6 -2.00 -14.63 35.05
N THR E 7 -3.15 -14.57 35.73
CA THR E 7 -4.15 -15.66 35.67
C THR E 7 -5.55 -15.09 35.59
N PRO E 8 -6.48 -15.82 34.92
CA PRO E 8 -6.33 -17.07 34.14
C PRO E 8 -5.81 -16.82 32.71
N LEU E 9 -5.43 -17.89 32.00
CA LEU E 9 -5.02 -17.77 30.60
C LEU E 9 -6.20 -17.43 29.70
N SER E 10 -7.37 -18.01 29.95
CA SER E 10 -8.58 -17.83 29.14
C SER E 10 -9.70 -17.50 30.10
N LEU E 11 -10.48 -16.47 29.78
CA LEU E 11 -11.52 -15.99 30.67
C LEU E 11 -12.85 -15.89 29.93
N PRO E 12 -13.70 -16.91 30.00
CA PRO E 12 -15.05 -16.78 29.45
C PRO E 12 -15.93 -15.96 30.37
N VAL E 13 -16.69 -15.04 29.77
CA VAL E 13 -17.59 -14.17 30.51
C VAL E 13 -18.81 -13.91 29.64
N SER E 14 -19.98 -13.93 30.25
CA SER E 14 -21.20 -13.63 29.52
C SER E 14 -21.30 -12.14 29.26
N LEU E 15 -22.00 -11.77 28.18
CA LEU E 15 -22.21 -10.35 27.91
C LEU E 15 -22.89 -9.71 29.11
N GLY E 16 -22.38 -8.55 29.52
CA GLY E 16 -22.91 -7.86 30.67
C GLY E 16 -22.37 -8.35 31.99
N GLY E 17 -21.56 -9.40 32.00
CA GLY E 17 -21.05 -9.98 33.21
C GLY E 17 -19.84 -9.23 33.74
N GLN E 18 -19.19 -9.84 34.71
CA GLN E 18 -18.04 -9.25 35.37
C GLN E 18 -16.83 -10.16 35.16
N ALA E 19 -15.75 -9.58 34.67
CA ALA E 19 -14.50 -10.30 34.51
C ALA E 19 -13.46 -9.76 35.48
N SER E 20 -12.60 -10.64 35.96
CA SER E 20 -11.52 -10.22 36.85
C SER E 20 -10.25 -10.93 36.43
N ILE E 21 -9.14 -10.18 36.29
CA ILE E 21 -7.84 -10.69 35.84
C ILE E 21 -6.83 -10.34 36.92
N SER E 22 -6.00 -11.30 37.32
CA SER E 22 -5.03 -11.06 38.37
C SER E 22 -3.60 -11.13 37.84
N CYS E 23 -2.72 -10.36 38.49
CA CYS E 23 -1.31 -10.30 38.16
C CYS E 23 -0.50 -10.27 39.45
N ARG E 24 0.54 -11.07 39.51
CA ARG E 24 1.40 -11.18 40.67
C ARG E 24 2.86 -11.00 40.23
N SER E 25 3.48 -9.93 40.71
CA SER E 25 4.88 -9.66 40.42
C SER E 25 5.80 -10.50 41.31
N SER E 26 7.01 -10.79 40.80
CA SER E 26 7.98 -11.53 41.60
C SER E 26 8.62 -10.68 42.70
N GLN E 27 8.44 -9.36 42.65
CA GLN E 27 9.04 -8.49 43.64
C GLN E 27 8.22 -7.23 43.77
N SER E 28 8.60 -6.39 44.73
CA SER E 28 7.96 -5.08 44.87
C SER E 28 8.21 -4.26 43.61
N VAL E 29 7.18 -3.56 43.16
CA VAL E 29 7.32 -2.70 41.98
C VAL E 29 7.14 -1.23 42.35
N VAL E 30 7.38 -0.85 43.60
CA VAL E 30 7.40 0.56 43.99
C VAL E 30 8.70 1.18 43.49
N TYR E 31 8.60 2.36 42.88
CA TYR E 31 9.74 3.13 42.42
C TYR E 31 10.26 4.05 43.53
N SER E 32 11.48 4.56 43.31
CA SER E 32 12.12 5.44 44.30
C SER E 32 11.29 6.68 44.61
N ASP E 33 10.50 7.15 43.65
CA ASP E 33 9.68 8.33 43.92
C ASP E 33 8.47 8.02 44.80
N GLY E 34 8.23 6.73 45.11
CA GLY E 34 7.11 6.30 45.93
C GLY E 34 5.89 5.82 45.18
N ASP E 35 5.78 6.10 43.88
CA ASP E 35 4.69 5.65 43.02
C ASP E 35 4.98 4.24 42.50
N THR E 36 3.91 3.54 42.10
CA THR E 36 4.02 2.19 41.56
C THR E 36 3.53 2.17 40.11
N TYR E 37 4.41 1.81 39.19
CA TYR E 37 4.13 1.92 37.75
C TYR E 37 3.65 0.58 37.19
N LEU E 38 2.54 0.09 37.76
CA LEU E 38 1.78 -1.03 37.24
C LEU E 38 0.73 -0.52 36.26
N GLU E 39 0.71 -1.12 35.06
CA GLU E 39 -0.14 -0.69 33.96
C GLU E 39 -0.88 -1.89 33.38
N TRP E 40 -2.08 -1.66 32.87
CA TRP E 40 -2.86 -2.68 32.16
C TRP E 40 -3.11 -2.24 30.74
N TYR E 41 -2.94 -3.19 29.80
CA TYR E 41 -3.07 -2.98 28.36
C TYR E 41 -4.00 -4.02 27.77
N LEU E 42 -4.77 -3.61 26.76
CA LEU E 42 -5.62 -4.53 25.99
C LEU E 42 -5.17 -4.51 24.53
N GLN E 43 -4.96 -5.70 23.96
CA GLN E 43 -4.72 -5.85 22.53
C GLN E 43 -5.93 -6.53 21.88
N LYS E 44 -6.73 -5.74 21.16
CA LYS E 44 -7.82 -6.31 20.39
C LYS E 44 -7.27 -6.92 19.11
N PRO E 45 -7.96 -7.88 18.51
CA PRO E 45 -7.39 -8.58 17.35
C PRO E 45 -7.10 -7.60 16.20
N GLY E 46 -5.96 -7.80 15.55
CA GLY E 46 -5.60 -6.93 14.46
C GLY E 46 -5.05 -5.57 14.83
N GLN E 47 -4.85 -5.29 16.12
CA GLN E 47 -4.53 -3.93 16.58
C GLN E 47 -3.34 -3.92 17.53
N SER E 48 -2.82 -2.71 17.75
CA SER E 48 -1.77 -2.49 18.71
C SER E 48 -2.31 -2.60 20.14
N PRO E 49 -1.46 -2.93 21.12
CA PRO E 49 -1.91 -2.83 22.52
C PRO E 49 -2.25 -1.39 22.84
N LYS E 50 -3.25 -1.21 23.71
CA LYS E 50 -3.70 0.11 24.11
C LYS E 50 -3.82 0.14 25.63
N LEU E 51 -3.42 1.26 26.24
CA LEU E 51 -3.42 1.33 27.68
C LEU E 51 -4.82 1.51 28.21
N LEU E 52 -5.14 0.77 29.27
CA LEU E 52 -6.36 0.93 30.04
C LEU E 52 -6.12 1.55 31.39
N ILE E 53 -5.04 1.16 32.08
CA ILE E 53 -4.86 1.58 33.48
C ILE E 53 -3.39 1.90 33.74
N TYR E 54 -3.14 2.99 34.48
CA TYR E 54 -1.78 3.34 34.84
C TYR E 54 -1.71 3.66 36.33
N LYS E 55 -0.53 3.44 36.91
CA LYS E 55 -0.28 3.65 38.34
C LYS E 55 -1.31 2.91 39.20
N VAL E 56 -1.50 1.62 38.89
CA VAL E 56 -2.32 0.70 39.69
C VAL E 56 -3.81 0.97 39.48
N SER E 57 -4.26 2.20 39.65
CA SER E 57 -5.68 2.49 39.60
C SER E 57 -6.10 3.68 38.75
N ARG E 58 -5.16 4.42 38.15
CA ARG E 58 -5.53 5.63 37.43
C ARG E 58 -6.00 5.32 36.01
N ARG E 59 -6.97 6.10 35.54
CA ARG E 59 -7.64 5.88 34.27
C ARG E 59 -7.56 7.13 33.39
N PRO E 60 -6.86 7.08 32.27
CA PRO E 60 -6.86 8.22 31.34
C PRO E 60 -8.24 8.47 30.74
N SER E 61 -8.52 9.72 30.42
CA SER E 61 -9.78 10.06 29.77
C SER E 61 -9.89 9.32 28.44
N GLY E 62 -11.10 8.88 28.13
CA GLY E 62 -11.36 8.03 27.00
C GLY E 62 -11.44 6.55 27.32
N VAL E 63 -10.96 6.11 28.49
CA VAL E 63 -11.08 4.72 28.92
C VAL E 63 -12.31 4.59 29.82
N PRO E 64 -13.26 3.73 29.49
CA PRO E 64 -14.53 3.70 30.23
C PRO E 64 -14.32 3.36 31.70
N ASP E 65 -15.26 3.83 32.53
CA ASP E 65 -15.18 3.58 33.97
C ASP E 65 -15.53 2.15 34.35
N ARG E 66 -16.00 1.35 33.38
CA ARG E 66 -16.17 -0.07 33.59
C ARG E 66 -14.85 -0.77 33.89
N PHE E 67 -13.71 -0.18 33.48
CA PHE E 67 -12.39 -0.72 33.78
C PHE E 67 -11.88 -0.13 35.08
N SER E 68 -11.43 -1.01 35.99
CA SER E 68 -10.90 -0.58 37.27
C SER E 68 -9.70 -1.42 37.69
N GLY E 69 -8.72 -0.80 38.32
CA GLY E 69 -7.55 -1.51 38.78
C GLY E 69 -7.27 -1.25 40.24
N SER E 70 -6.64 -2.23 40.89
CA SER E 70 -6.31 -2.15 42.30
C SER E 70 -5.10 -3.04 42.52
N GLY E 71 -4.40 -2.79 43.63
CA GLY E 71 -3.26 -3.63 43.95
C GLY E 71 -2.61 -3.34 45.28
N SER E 72 -2.24 -4.41 45.98
CA SER E 72 -1.53 -4.36 47.26
C SER E 72 -0.27 -5.21 47.11
N GLY E 73 0.88 -4.59 47.34
CA GLY E 73 2.14 -5.33 47.30
C GLY E 73 2.38 -5.94 45.91
N THR E 74 2.58 -7.25 45.84
CA THR E 74 2.81 -7.93 44.60
C THR E 74 1.54 -8.30 43.86
N ASP E 75 0.36 -8.10 44.45
CA ASP E 75 -0.89 -8.59 43.90
C ASP E 75 -1.67 -7.43 43.28
N PHE E 76 -2.12 -7.61 42.06
CA PHE E 76 -2.80 -6.56 41.31
C PHE E 76 -3.95 -7.22 40.58
N THR E 77 -5.02 -6.46 40.41
CA THR E 77 -6.26 -6.97 39.82
C THR E 77 -6.85 -5.91 38.90
N LEU E 78 -7.28 -6.37 37.73
CA LEU E 78 -8.06 -5.59 36.78
C LEU E 78 -9.46 -6.19 36.76
N LYS E 79 -10.47 -5.31 36.90
CA LYS E 79 -11.89 -5.68 36.87
C LYS E 79 -12.53 -5.02 35.67
N ILE E 80 -13.19 -5.82 34.84
CA ILE E 80 -14.04 -5.33 33.75
C ILE E 80 -15.50 -5.54 34.16
N SER E 81 -16.22 -4.46 34.42
CA SER E 81 -17.63 -4.56 34.75
C SER E 81 -18.47 -4.50 33.48
N ARG E 82 -19.60 -5.19 33.50
CA ARG E 82 -20.61 -5.09 32.45
C ARG E 82 -19.97 -5.23 31.06
N VAL E 83 -19.46 -6.44 30.82
CA VAL E 83 -18.63 -6.69 29.64
C VAL E 83 -19.43 -6.44 28.37
N GLU E 84 -18.78 -5.78 27.40
CA GLU E 84 -19.37 -5.43 26.12
C GLU E 84 -18.62 -6.17 25.03
N THR E 85 -19.26 -6.29 23.86
CA THR E 85 -18.69 -7.11 22.79
C THR E 85 -17.30 -6.62 22.39
N GLU E 86 -17.04 -5.32 22.51
CA GLU E 86 -15.78 -4.71 22.07
C GLU E 86 -14.66 -4.87 23.06
N ASP E 87 -14.92 -5.44 24.23
CA ASP E 87 -13.90 -5.67 25.24
C ASP E 87 -13.08 -6.93 24.98
N LEU E 88 -13.42 -7.71 23.95
CA LEU E 88 -12.68 -8.93 23.65
C LEU E 88 -11.28 -8.60 23.16
N GLY E 89 -10.35 -9.49 23.48
CA GLY E 89 -8.96 -9.32 23.13
C GLY E 89 -8.12 -9.96 24.21
N VAL E 90 -6.82 -9.69 24.20
CA VAL E 90 -5.91 -10.21 25.21
C VAL E 90 -5.47 -9.08 26.12
N TYR E 91 -5.58 -9.28 27.44
CA TYR E 91 -5.18 -8.26 28.42
C TYR E 91 -3.82 -8.60 29.05
N TYR E 92 -2.99 -7.58 29.22
CA TYR E 92 -1.64 -7.73 29.76
C TYR E 92 -1.41 -6.77 30.92
N CYS E 93 -0.89 -7.28 32.04
CA CYS E 93 -0.32 -6.39 33.05
C CYS E 93 1.14 -6.09 32.67
N PHE E 94 1.66 -4.98 33.18
CA PHE E 94 2.98 -4.51 32.78
C PHE E 94 3.60 -3.76 33.95
N GLN E 95 4.87 -4.01 34.25
CA GLN E 95 5.57 -3.22 35.27
C GLN E 95 6.55 -2.26 34.61
N GLY E 96 6.44 -0.98 34.95
CA GLY E 96 7.32 0.02 34.37
C GLY E 96 8.27 0.65 35.38
N SER E 97 8.53 -0.06 36.46
CA SER E 97 9.33 0.52 37.54
C SER E 97 10.81 0.19 37.42
N HIS E 98 11.13 -1.03 37.00
CA HIS E 98 12.50 -1.52 37.01
C HIS E 98 12.87 -2.03 35.64
N VAL E 99 13.97 -1.54 35.10
CA VAL E 99 14.45 -1.99 33.79
C VAL E 99 15.06 -3.38 33.93
N PRO E 100 14.78 -4.34 33.02
CA PRO E 100 13.89 -4.25 31.85
C PRO E 100 12.41 -4.32 32.19
N TYR E 101 11.61 -3.43 31.58
CA TYR E 101 10.18 -3.46 31.83
C TYR E 101 9.61 -4.79 31.33
N THR E 102 8.61 -5.33 32.02
CA THR E 102 8.12 -6.65 31.66
C THR E 102 6.60 -6.70 31.64
N PHE E 103 6.07 -7.59 30.80
CA PHE E 103 4.64 -7.86 30.65
C PHE E 103 4.28 -9.20 31.26
N GLY E 104 3.04 -9.32 31.69
CA GLY E 104 2.51 -10.62 32.03
C GLY E 104 2.22 -11.41 30.76
N GLY E 105 1.84 -12.68 30.96
CA GLY E 105 1.58 -13.59 29.87
C GLY E 105 0.31 -13.30 29.08
N GLY E 106 -0.60 -12.54 29.65
CA GLY E 106 -1.79 -12.15 28.92
C GLY E 106 -2.97 -13.04 29.24
N THR E 107 -4.17 -12.47 29.17
CA THR E 107 -5.42 -13.18 29.46
C THR E 107 -6.40 -12.94 28.32
N LYS E 108 -6.82 -14.01 27.66
CA LYS E 108 -7.73 -13.89 26.52
C LYS E 108 -9.16 -13.83 27.03
N LEU E 109 -9.85 -12.74 26.75
CA LEU E 109 -11.26 -12.61 27.14
C LEU E 109 -12.12 -13.16 26.00
N GLU E 110 -12.82 -14.27 26.27
CA GLU E 110 -13.85 -14.78 25.37
C GLU E 110 -15.23 -14.43 25.91
N ILE E 111 -16.07 -13.88 25.07
CA ILE E 111 -17.45 -13.54 25.44
C ILE E 111 -18.38 -14.69 25.09
N LYS E 112 -19.13 -15.16 26.09
CA LYS E 112 -20.14 -16.19 25.90
C LYS E 112 -21.45 -15.54 25.46
N ARG E 113 -22.04 -16.04 24.37
CA ARG E 113 -23.23 -15.47 23.78
C ARG E 113 -24.16 -16.61 23.34
N THR E 114 -25.37 -16.23 22.93
CA THR E 114 -26.33 -17.23 22.47
C THR E 114 -25.86 -17.86 21.17
N ASP E 115 -26.24 -19.11 20.97
CA ASP E 115 -25.85 -19.82 19.77
C ASP E 115 -26.43 -19.13 18.56
N ALA E 116 -25.70 -19.21 17.46
CA ALA E 116 -26.11 -18.62 16.21
C ALA E 116 -25.68 -19.59 15.13
N ALA E 117 -26.57 -19.82 14.10
CA ALA E 117 -26.20 -20.81 13.09
C ALA E 117 -25.38 -20.18 11.97
N PRO E 118 -24.49 -20.95 11.34
CA PRO E 118 -23.71 -20.43 10.20
C PRO E 118 -24.53 -20.07 8.96
N THR E 119 -24.06 -19.07 8.25
CA THR E 119 -24.60 -18.78 6.92
C THR E 119 -23.58 -19.43 6.00
N VAL E 120 -23.97 -20.28 5.06
CA VAL E 120 -23.01 -21.07 4.23
C VAL E 120 -23.06 -20.64 2.76
N SER E 121 -21.89 -20.42 2.16
CA SER E 121 -21.79 -20.03 0.74
C SER E 121 -20.74 -20.89 0.04
N ILE E 122 -21.01 -21.36 -1.18
CA ILE E 122 -20.07 -22.24 -1.94
C ILE E 122 -19.60 -21.53 -3.20
N PHE E 123 -18.32 -21.62 -3.50
CA PHE E 123 -17.74 -20.88 -4.64
C PHE E 123 -16.96 -21.81 -5.59
N PRO E 124 -17.26 -21.87 -6.90
CA PRO E 124 -16.47 -22.67 -7.84
C PRO E 124 -15.14 -22.01 -8.12
N PRO E 125 -14.15 -22.75 -8.63
CA PRO E 125 -12.89 -22.10 -8.98
C PRO E 125 -13.11 -21.04 -10.04
N SER E 126 -12.39 -19.94 -9.91
CA SER E 126 -12.41 -18.91 -10.94
C SER E 126 -11.70 -19.41 -12.18
N SER E 127 -12.10 -18.86 -13.33
CA SER E 127 -11.41 -19.20 -14.58
C SER E 127 -9.93 -18.79 -14.55
N GLU E 128 -9.59 -17.70 -13.85
CA GLU E 128 -8.19 -17.28 -13.80
C GLU E 128 -7.33 -18.33 -13.11
N GLN E 129 -7.84 -18.96 -12.06
CA GLN E 129 -7.10 -20.05 -11.44
C GLN E 129 -7.04 -21.26 -12.36
N LEU E 130 -8.11 -21.50 -13.12
CA LEU E 130 -8.13 -22.67 -14.01
C LEU E 130 -7.06 -22.56 -15.08
N THR E 131 -6.75 -21.33 -15.51
CA THR E 131 -5.71 -21.16 -16.52
C THR E 131 -4.35 -21.63 -16.03
N SER E 132 -4.12 -21.65 -14.72
CA SER E 132 -2.85 -22.08 -14.18
C SER E 132 -2.84 -23.56 -13.85
N GLY E 133 -3.91 -24.28 -14.14
CA GLY E 133 -3.93 -25.72 -13.93
C GLY E 133 -4.34 -26.20 -12.56
N GLY E 134 -4.70 -25.30 -11.62
CA GLY E 134 -5.27 -25.68 -10.35
C GLY E 134 -6.70 -25.20 -10.25
N ALA E 135 -7.43 -25.74 -9.27
CA ALA E 135 -8.80 -25.34 -9.03
C ALA E 135 -9.11 -25.45 -7.55
N SER E 136 -9.63 -24.38 -6.98
CA SER E 136 -9.96 -24.32 -5.56
C SER E 136 -11.44 -24.06 -5.43
N VAL E 137 -12.13 -24.95 -4.74
CA VAL E 137 -13.52 -24.77 -4.38
C VAL E 137 -13.55 -24.22 -2.96
N VAL E 138 -14.34 -23.16 -2.74
CA VAL E 138 -14.31 -22.47 -1.43
C VAL E 138 -15.68 -22.53 -0.78
N CYS E 139 -15.72 -22.57 0.54
CA CYS E 139 -16.98 -22.54 1.29
C CYS E 139 -16.75 -21.63 2.49
N PHE E 140 -17.63 -20.67 2.70
CA PHE E 140 -17.51 -19.77 3.86
C PHE E 140 -18.64 -20.11 4.83
N LEU E 141 -18.29 -20.43 6.07
CA LEU E 141 -19.31 -20.67 7.11
C LEU E 141 -19.22 -19.43 7.99
N ASN E 142 -20.23 -18.60 7.96
CA ASN E 142 -20.08 -17.27 8.58
C ASN E 142 -20.99 -16.93 9.76
N ASN E 143 -20.48 -16.16 10.71
CA ASN E 143 -21.23 -15.58 11.82
C ASN E 143 -22.02 -16.65 12.58
N PHE E 144 -21.29 -17.59 13.16
CA PHE E 144 -21.90 -18.65 13.94
C PHE E 144 -21.33 -18.62 15.35
N TYR E 145 -22.04 -19.28 16.27
CA TYR E 145 -21.59 -19.46 17.65
C TYR E 145 -22.23 -20.74 18.18
N PRO E 146 -21.50 -21.56 18.95
CA PRO E 146 -20.10 -21.53 19.42
C PRO E 146 -19.09 -21.82 18.29
N LYS E 147 -17.78 -21.70 18.60
CA LYS E 147 -16.76 -21.70 17.57
C LYS E 147 -16.59 -23.06 16.90
N ASP E 148 -16.87 -24.15 17.61
CA ASP E 148 -16.61 -25.46 17.01
C ASP E 148 -17.58 -25.75 15.88
N ILE E 149 -17.07 -26.30 14.78
CA ILE E 149 -17.90 -26.60 13.61
C ILE E 149 -17.16 -27.58 12.74
N ASN E 150 -17.90 -28.41 12.00
CA ASN E 150 -17.20 -29.43 11.21
C ASN E 150 -17.69 -29.35 9.77
N VAL E 151 -16.76 -29.42 8.81
CA VAL E 151 -17.11 -29.28 7.38
C VAL E 151 -16.74 -30.56 6.64
N LYS E 152 -17.61 -31.01 5.76
CA LYS E 152 -17.31 -32.19 4.93
C LYS E 152 -17.45 -31.82 3.47
N TRP E 153 -16.48 -32.24 2.67
CA TRP E 153 -16.51 -31.96 1.22
C TRP E 153 -16.84 -33.27 0.53
N LYS E 154 -17.86 -33.24 -0.33
CA LYS E 154 -18.18 -34.45 -1.12
C LYS E 154 -18.08 -34.13 -2.61
N ILE E 155 -17.29 -34.91 -3.33
CA ILE E 155 -17.14 -34.80 -4.77
C ILE E 155 -17.91 -35.94 -5.41
N ASP E 156 -18.91 -35.58 -6.23
CA ASP E 156 -19.81 -36.56 -6.88
C ASP E 156 -20.44 -37.49 -5.85
N GLY E 157 -20.71 -36.96 -4.65
CA GLY E 157 -21.32 -37.70 -3.58
C GLY E 157 -20.36 -38.45 -2.67
N SER E 158 -19.08 -38.55 -3.02
CA SER E 158 -18.12 -39.31 -2.22
C SER E 158 -17.23 -38.34 -1.42
N GLU E 159 -17.01 -38.67 -0.16
CA GLU E 159 -16.27 -37.77 0.72
C GLU E 159 -14.83 -37.65 0.25
N ARG E 160 -14.27 -36.45 0.36
CA ARG E 160 -12.90 -36.12 0.01
C ARG E 160 -12.25 -35.44 1.19
N GLN E 161 -11.02 -35.82 1.51
CA GLN E 161 -10.34 -35.18 2.65
C GLN E 161 -9.03 -34.52 2.30
N ASN E 162 -8.26 -35.09 1.37
CA ASN E 162 -6.99 -34.45 0.94
C ASN E 162 -7.31 -33.19 0.12
N GLY E 163 -6.68 -32.08 0.50
CA GLY E 163 -6.78 -30.82 -0.25
C GLY E 163 -7.59 -29.79 0.49
N VAL E 164 -8.08 -30.13 1.67
CA VAL E 164 -8.95 -29.22 2.45
C VAL E 164 -8.10 -28.40 3.44
N LEU E 165 -8.28 -27.07 3.45
CA LEU E 165 -7.57 -26.18 4.40
C LEU E 165 -8.58 -25.24 5.06
N ASN E 166 -8.61 -25.21 6.39
CA ASN E 166 -9.63 -24.49 7.16
C ASN E 166 -9.00 -23.43 8.06
N SER E 167 -9.63 -22.25 8.13
CA SER E 167 -9.15 -21.20 9.02
C SER E 167 -10.32 -20.51 9.71
N TRP E 168 -10.15 -20.24 10.99
CA TRP E 168 -11.15 -19.56 11.81
C TRP E 168 -10.74 -18.13 12.08
N THR E 169 -11.70 -17.21 11.99
CA THR E 169 -11.46 -15.87 12.50
C THR E 169 -11.44 -15.87 14.02
N ASP E 170 -10.91 -14.80 14.59
CA ASP E 170 -11.12 -14.52 16.00
C ASP E 170 -12.57 -14.09 16.22
N GLN E 171 -12.96 -14.01 17.50
CA GLN E 171 -14.31 -13.58 17.82
C GLN E 171 -14.57 -12.18 17.27
N ASP E 172 -15.75 -12.01 16.66
CA ASP E 172 -16.12 -10.73 16.08
C ASP E 172 -16.33 -9.67 17.17
N SER E 173 -15.78 -8.48 16.93
CA SER E 173 -15.81 -7.39 17.90
C SER E 173 -17.19 -6.80 18.06
N LYS E 174 -18.13 -7.11 17.17
CA LYS E 174 -19.45 -6.48 17.15
C LYS E 174 -20.59 -7.40 17.56
N ASP E 175 -20.58 -8.67 17.13
CA ASP E 175 -21.63 -9.60 17.50
C ASP E 175 -21.13 -10.85 18.23
N SER E 176 -19.83 -10.92 18.56
CA SER E 176 -19.25 -11.99 19.37
C SER E 176 -19.39 -13.38 18.73
N THR E 177 -19.54 -13.48 17.42
CA THR E 177 -19.59 -14.76 16.73
C THR E 177 -18.23 -15.07 16.09
N TYR E 178 -18.17 -16.23 15.43
CA TYR E 178 -17.00 -16.68 14.71
C TYR E 178 -17.38 -16.96 13.27
N SER E 179 -16.38 -16.94 12.40
CA SER E 179 -16.53 -17.31 10.99
C SER E 179 -15.39 -18.25 10.61
N MET E 180 -15.59 -18.98 9.52
CA MET E 180 -14.64 -20.00 9.10
C MET E 180 -14.63 -20.16 7.58
N SER E 181 -13.45 -20.38 7.01
CA SER E 181 -13.27 -20.56 5.58
C SER E 181 -12.68 -21.93 5.31
N SER E 182 -13.30 -22.70 4.41
CA SER E 182 -12.77 -24.01 4.03
C SER E 182 -12.50 -24.04 2.53
N THR E 183 -11.29 -24.43 2.14
CA THR E 183 -10.89 -24.42 0.73
C THR E 183 -10.38 -25.80 0.35
N LEU E 184 -10.98 -26.41 -0.68
CA LEU E 184 -10.52 -27.68 -1.23
C LEU E 184 -9.81 -27.42 -2.57
N THR E 185 -8.55 -27.80 -2.65
CA THR E 185 -7.75 -27.57 -3.85
C THR E 185 -7.48 -28.88 -4.57
N LEU E 186 -7.74 -28.90 -5.87
CA LEU E 186 -7.50 -30.04 -6.73
C LEU E 186 -6.79 -29.57 -7.98
N THR E 187 -6.21 -30.53 -8.69
CA THR E 187 -5.74 -30.25 -10.03
C THR E 187 -6.94 -29.96 -10.92
N LYS E 188 -6.71 -29.12 -11.93
CA LYS E 188 -7.74 -28.84 -12.91
C LYS E 188 -8.19 -30.10 -13.65
N ASP E 189 -7.26 -31.04 -13.88
CA ASP E 189 -7.65 -32.30 -14.51
C ASP E 189 -8.61 -33.08 -13.62
N GLU E 190 -8.36 -33.12 -12.31
CA GLU E 190 -9.32 -33.81 -11.40
C GLU E 190 -10.64 -33.06 -11.32
N TYR E 191 -10.61 -31.72 -11.28
CA TYR E 191 -11.84 -30.92 -11.17
C TYR E 191 -12.73 -31.20 -12.37
N GLU E 192 -12.12 -31.30 -13.55
CA GLU E 192 -12.91 -31.48 -14.79
C GLU E 192 -13.38 -32.93 -14.94
N ARG E 193 -12.89 -33.84 -14.11
CA ARG E 193 -13.28 -35.28 -14.19
C ARG E 193 -14.51 -35.60 -13.33
N HIS E 194 -15.04 -34.63 -12.59
CA HIS E 194 -16.19 -34.88 -11.70
C HIS E 194 -17.17 -33.72 -11.85
N ASN E 195 -18.45 -33.92 -11.53
CA ASN E 195 -19.45 -32.86 -11.80
C ASN E 195 -20.01 -32.19 -10.53
N SER E 196 -20.22 -32.94 -9.46
CA SER E 196 -20.91 -32.36 -8.28
C SER E 196 -19.95 -32.06 -7.14
N TYR E 197 -19.96 -30.82 -6.66
CA TYR E 197 -19.09 -30.43 -5.54
C TYR E 197 -19.96 -29.91 -4.39
N THR E 198 -19.79 -30.47 -3.19
CA THR E 198 -20.68 -30.10 -2.08
C THR E 198 -19.93 -29.82 -0.79
N CYS E 199 -20.43 -28.86 -0.01
CA CYS E 199 -19.83 -28.48 1.29
C CYS E 199 -20.92 -28.69 2.34
N GLU E 200 -20.67 -29.54 3.33
CA GLU E 200 -21.71 -29.85 4.35
C GLU E 200 -21.22 -29.40 5.72
N ALA E 201 -22.01 -28.59 6.39
CA ALA E 201 -21.58 -28.02 7.68
C ALA E 201 -22.34 -28.68 8.83
N THR E 202 -21.62 -29.24 9.79
CA THR E 202 -22.27 -29.83 10.97
C THR E 202 -22.00 -28.90 12.15
N HIS E 203 -23.04 -28.32 12.75
CA HIS E 203 -22.90 -27.36 13.84
C HIS E 203 -23.93 -27.67 14.92
N LYS E 204 -23.67 -27.27 16.16
CA LYS E 204 -24.57 -27.55 17.32
C LYS E 204 -25.99 -27.07 17.06
N THR E 205 -26.15 -26.07 16.21
CA THR E 205 -27.47 -25.44 15.99
C THR E 205 -28.49 -26.41 15.36
N SER E 206 -28.05 -27.37 14.56
CA SER E 206 -29.02 -28.22 13.85
C SER E 206 -28.67 -29.70 13.85
N THR E 207 -29.69 -30.55 13.81
CA THR E 207 -29.50 -32.02 13.71
C THR E 207 -28.94 -32.33 12.32
N SER E 208 -29.38 -31.55 11.34
CA SER E 208 -29.23 -31.84 9.90
C SER E 208 -28.14 -30.94 9.34
N PRO E 209 -27.18 -31.48 8.58
CA PRO E 209 -26.11 -30.67 8.07
C PRO E 209 -26.56 -29.55 7.13
N ILE E 210 -26.00 -28.35 7.27
CA ILE E 210 -26.30 -27.24 6.32
C ILE E 210 -25.47 -27.51 5.07
N VAL E 211 -26.13 -27.81 3.96
CA VAL E 211 -25.41 -28.26 2.74
C VAL E 211 -25.55 -27.21 1.65
N LYS E 212 -24.46 -26.94 0.94
CA LYS E 212 -24.51 -26.02 -0.22
C LYS E 212 -23.76 -26.74 -1.33
N SER E 213 -24.19 -26.57 -2.59
CA SER E 213 -23.58 -27.37 -3.68
C SER E 213 -23.63 -26.65 -5.03
N PHE E 214 -22.74 -27.06 -5.94
CA PHE E 214 -22.76 -26.54 -7.32
C PHE E 214 -22.39 -27.70 -8.23
N ASN E 215 -22.84 -27.68 -9.48
CA ASN E 215 -22.47 -28.72 -10.47
C ASN E 215 -21.72 -28.01 -11.59
N ARG E 216 -20.60 -28.56 -12.02
CA ARG E 216 -19.76 -27.85 -13.02
C ARG E 216 -20.53 -27.66 -14.32
N ASN E 217 -21.32 -28.66 -14.71
CA ASN E 217 -22.12 -28.57 -15.95
C ASN E 217 -23.17 -27.46 -15.81
N GLU E 218 -23.79 -27.33 -14.65
CA GLU E 218 -24.87 -26.33 -14.47
C GLU E 218 -24.28 -24.91 -14.51
N ALA F 1 5.46 3.75 32.52
CA ALA F 1 6.80 3.40 33.00
C ALA F 1 7.56 4.66 33.37
N VAL F 2 8.67 4.48 34.10
CA VAL F 2 9.44 5.62 34.57
C VAL F 2 10.14 6.33 33.41
N GLY F 3 10.79 5.56 32.56
CA GLY F 3 11.58 6.03 31.43
C GLY F 3 13.04 5.87 31.77
N ILE F 4 13.82 5.41 30.79
CA ILE F 4 15.23 5.12 31.04
C ILE F 4 16.06 6.37 31.20
N GLY F 5 15.56 7.52 30.78
CA GLY F 5 16.25 8.77 31.00
C GLY F 5 15.68 9.64 32.10
N ALA F 6 14.72 9.14 32.87
CA ALA F 6 14.13 9.95 33.94
C ALA F 6 15.15 10.26 35.02
N VAL F 7 16.10 9.35 35.25
CA VAL F 7 17.08 9.48 36.34
C VAL F 7 18.26 10.33 35.93
N PHE F 8 18.29 10.81 34.70
CA PHE F 8 19.34 11.69 34.22
C PHE F 8 18.93 13.15 34.44
#